data_3MCM
#
_entry.id   3MCM
#
_cell.length_a   42.821
_cell.length_b   57.779
_cell.length_c   105.127
_cell.angle_alpha   91.130
_cell.angle_beta   99.390
_cell.angle_gamma   111.640
#
_symmetry.space_group_name_H-M   'P 1'
#
loop_
_entity.id
_entity.type
_entity.pdbx_description
1 polymer '2-amino-4-hydroxy-6-hydroxymethyldihydropteridine pyrophosphokinase/dihydropteroate synthase'
2 non-polymer 'MAGNESIUM ION'
3 water water
#
_entity_poly.entity_id   1
_entity_poly.type   'polypeptide(L)'
_entity_poly.pdbx_seq_one_letter_code
;MGSSHHHHHHSSGLVPRGSHMVQYIIGIGTNSGFTIENIHLAITALESQQNIRIIRKASLYSSKAVLKEDAPKEWDIRFL
NTAVKISSSLKPDELLVLLKDIELKIGRDLNAPAWSPRVIDLDILAAEDLILETDKLTIPHKELINRSFALAPLLELSKG
WHHPKYVEWDLNIRLKELGEIVKLKQTLANTIRMGIVNLSNQSFSDGNFDDNQRKLNLDELIQSGAEIIDIGAESTKPDA
KPISIEEEFNKLNEFLEYFKSQLANLIYKPLVSIDTRKLEVMQKILAKHHDIIWMINDVECNNIEQKAQLIAKYNKKYVI
IHNLGITDRNQYLDKENAIDNVCDYIEQKKQILLKHGIAQQNIYFDIGFGFGKKSDTARYLLENIIEIKRRLELKALVGH
SRKPSVLGLTKDSNLATLDRATRELSRKLEKLDIDIIRVHKI
;
_entity_poly.pdbx_strand_id   A,B
#
loop_
_chem_comp.id
_chem_comp.type
_chem_comp.name
_chem_comp.formula
MG non-polymer 'MAGNESIUM ION' 'Mg 2'
#
# COMPACT_ATOMS: atom_id res chain seq x y z
N HIS A 20 -25.38 18.07 -19.04
CA HIS A 20 -24.64 19.31 -18.84
C HIS A 20 -23.17 19.05 -18.46
N MET A 21 -22.37 20.10 -18.49
CA MET A 21 -20.94 19.96 -18.20
C MET A 21 -20.60 20.70 -16.93
N VAL A 22 -19.76 20.08 -16.11
CA VAL A 22 -19.26 20.76 -14.92
C VAL A 22 -17.74 20.86 -14.98
N GLN A 23 -17.21 21.98 -14.50
CA GLN A 23 -15.79 22.25 -14.60
C GLN A 23 -15.12 21.81 -13.31
N TYR A 24 -14.26 20.79 -13.37
CA TYR A 24 -13.60 20.33 -12.16
C TYR A 24 -12.11 20.68 -12.14
N ILE A 25 -11.57 20.94 -10.96
CA ILE A 25 -10.12 21.00 -10.79
C ILE A 25 -9.65 19.72 -10.07
N ILE A 26 -8.77 18.98 -10.71
CA ILE A 26 -8.27 17.75 -10.14
C ILE A 26 -6.84 18.01 -9.68
N GLY A 27 -6.59 17.78 -8.40
CA GLY A 27 -5.25 17.84 -7.84
C GLY A 27 -4.53 16.53 -8.02
N ILE A 28 -3.27 16.62 -8.43
CA ILE A 28 -2.49 15.45 -8.78
C ILE A 28 -1.14 15.57 -8.10
N GLY A 29 -0.82 14.60 -7.24
CA GLY A 29 0.48 14.59 -6.59
C GLY A 29 1.11 13.22 -6.65
N THR A 30 2.44 13.19 -6.57
CA THR A 30 3.17 11.94 -6.53
C THR A 30 4.50 12.16 -5.84
N ASN A 31 5.01 11.11 -5.16
CA ASN A 31 6.39 11.16 -4.68
C ASN A 31 7.06 9.80 -4.71
N SER A 32 6.75 9.01 -5.71
CA SER A 32 7.50 7.78 -5.96
C SER A 32 7.61 7.45 -7.42
N GLY A 33 8.62 6.65 -7.72
CA GLY A 33 8.89 6.28 -9.09
C GLY A 33 9.31 7.49 -9.91
N PHE A 34 8.87 7.46 -11.16
CA PHE A 34 9.19 8.44 -12.16
C PHE A 34 8.11 9.47 -12.07
N THR A 35 8.41 10.54 -11.35
CA THR A 35 7.35 11.38 -10.82
C THR A 35 6.56 12.05 -11.91
N ILE A 36 7.24 12.76 -12.80
CA ILE A 36 6.54 13.43 -13.89
C ILE A 36 5.82 12.46 -14.80
N GLU A 37 6.43 11.32 -15.06
CA GLU A 37 5.70 10.34 -15.85
C GLU A 37 4.39 9.97 -15.17
N ASN A 38 4.40 9.84 -13.84
CA ASN A 38 3.16 9.46 -13.17
C ASN A 38 2.10 10.53 -13.37
N ILE A 39 2.52 11.80 -13.33
CA ILE A 39 1.58 12.87 -13.56
C ILE A 39 1.00 12.89 -14.99
N HIS A 40 1.85 12.84 -16.02
CA HIS A 40 1.35 12.77 -17.40
C HIS A 40 0.44 11.53 -17.59
N LEU A 41 0.88 10.39 -17.07
CA LEU A 41 0.00 9.21 -17.17
C LEU A 41 -1.41 9.41 -16.56
N ALA A 42 -1.49 10.07 -15.40
CA ALA A 42 -2.80 10.34 -14.80
C ALA A 42 -3.66 11.29 -15.64
N ILE A 43 -3.03 12.30 -16.21
CA ILE A 43 -3.70 13.26 -17.08
C ILE A 43 -4.17 12.59 -18.37
N THR A 44 -3.25 11.93 -19.06
CA THR A 44 -3.60 11.11 -20.21
C THR A 44 -4.77 10.17 -19.93
N ALA A 45 -4.79 9.55 -18.75
CA ALA A 45 -5.91 8.69 -18.42
C ALA A 45 -7.23 9.46 -18.36
N LEU A 46 -7.19 10.67 -17.80
CA LEU A 46 -8.39 11.50 -17.71
C LEU A 46 -8.84 11.87 -19.09
N GLU A 47 -7.91 12.42 -19.85
CA GLU A 47 -8.20 12.87 -21.20
C GLU A 47 -8.79 11.73 -22.04
N SER A 48 -8.29 10.51 -21.84
CA SER A 48 -8.85 9.38 -22.58
C SER A 48 -10.38 9.17 -22.45
N GLN A 49 -10.99 9.60 -21.35
CA GLN A 49 -12.44 9.38 -21.16
C GLN A 49 -13.25 10.21 -22.15
N GLN A 50 -14.31 9.61 -22.70
CA GLN A 50 -15.10 10.28 -23.73
C GLN A 50 -15.95 11.37 -23.09
N ASN A 51 -16.15 11.30 -21.79
CA ASN A 51 -16.90 12.34 -21.10
C ASN A 51 -16.03 13.34 -20.30
N ILE A 52 -14.75 13.42 -20.63
CA ILE A 52 -13.86 14.40 -20.01
C ILE A 52 -13.10 15.22 -21.04
N ARG A 53 -13.08 16.52 -20.86
CA ARG A 53 -12.26 17.36 -21.71
C ARG A 53 -11.24 18.07 -20.83
N ILE A 54 -9.99 18.12 -21.28
CA ILE A 54 -8.93 18.78 -20.53
C ILE A 54 -8.83 20.23 -20.94
N ILE A 55 -9.22 21.13 -20.05
CA ILE A 55 -9.19 22.55 -20.35
C ILE A 55 -7.81 23.14 -20.13
N ARG A 56 -7.21 22.92 -18.97
CA ARG A 56 -5.87 23.45 -18.74
C ARG A 56 -5.11 22.72 -17.65
N LYS A 57 -3.79 22.63 -17.84
CA LYS A 57 -2.88 22.11 -16.85
C LYS A 57 -2.14 23.25 -16.13
N ALA A 58 -1.99 23.10 -14.82
CA ALA A 58 -1.19 24.02 -13.99
C ALA A 58 0.30 23.69 -14.07
N SER A 59 1.09 24.48 -13.36
CA SER A 59 2.51 24.26 -13.30
C SER A 59 2.84 23.08 -12.42
N LEU A 60 4.11 22.74 -12.34
CA LEU A 60 4.58 21.69 -11.43
C LEU A 60 5.02 22.35 -10.16
N TYR A 61 4.63 21.77 -9.04
CA TYR A 61 5.04 22.27 -7.73
C TYR A 61 5.69 21.17 -6.91
N SER A 62 6.71 21.54 -6.16
CA SER A 62 7.46 20.63 -5.34
C SER A 62 7.27 21.00 -3.87
N SER A 63 6.90 20.00 -3.07
CA SER A 63 6.77 20.19 -1.63
C SER A 63 7.40 19.04 -0.85
N LYS A 64 7.64 19.29 0.43
CA LYS A 64 8.36 18.35 1.30
C LYS A 64 7.45 17.23 1.80
N ALA A 65 7.99 16.03 1.84
CA ALA A 65 7.28 14.88 2.40
C ALA A 65 7.09 14.98 3.92
N VAL A 66 5.82 15.03 4.36
CA VAL A 66 5.51 15.12 5.78
C VAL A 66 6.21 14.05 6.62
N ILE A 77 11.10 11.41 0.14
CA ILE A 77 11.45 12.27 -0.98
C ILE A 77 10.35 13.26 -1.35
N ARG A 78 10.68 14.27 -2.14
CA ARG A 78 9.75 15.38 -2.33
C ARG A 78 8.56 15.03 -3.21
N PHE A 79 7.41 15.62 -2.89
CA PHE A 79 6.25 15.55 -3.79
C PHE A 79 6.37 16.45 -5.01
N LEU A 80 5.74 15.97 -6.08
CA LEU A 80 5.52 16.70 -7.29
C LEU A 80 4.01 16.83 -7.40
N ASN A 81 3.52 18.06 -7.43
CA ASN A 81 2.08 18.34 -7.51
C ASN A 81 1.76 19.28 -8.66
N THR A 82 0.57 19.11 -9.21
CA THR A 82 -0.01 20.05 -10.15
C THR A 82 -1.52 19.96 -9.97
N ALA A 83 -2.25 20.59 -10.87
CA ALA A 83 -3.69 20.39 -10.93
C ALA A 83 -4.09 20.56 -12.38
N VAL A 84 -5.19 19.91 -12.76
CA VAL A 84 -5.75 20.11 -14.09
C VAL A 84 -7.20 20.50 -14.04
N LYS A 85 -7.59 21.42 -14.92
CA LYS A 85 -9.00 21.81 -15.00
C LYS A 85 -9.66 21.06 -16.14
N ILE A 86 -10.76 20.41 -15.83
CA ILE A 86 -11.43 19.58 -16.81
C ILE A 86 -12.89 19.97 -16.90
N SER A 87 -13.51 19.61 -18.01
CA SER A 87 -14.94 19.75 -18.16
C SER A 87 -15.51 18.35 -18.28
N SER A 88 -16.62 18.07 -17.62
CA SER A 88 -17.11 16.71 -17.60
C SER A 88 -18.58 16.68 -17.24
N SER A 89 -19.27 15.69 -17.79
CA SER A 89 -20.67 15.46 -17.48
C SER A 89 -20.76 14.46 -16.33
N LEU A 90 -19.60 14.00 -15.87
CA LEU A 90 -19.55 13.11 -14.71
C LEU A 90 -20.08 13.80 -13.45
N LYS A 91 -20.90 13.08 -12.68
CA LYS A 91 -21.34 13.59 -11.40
C LYS A 91 -20.16 13.43 -10.45
N PRO A 92 -20.11 14.28 -9.41
CA PRO A 92 -18.95 14.15 -8.52
C PRO A 92 -18.68 12.69 -8.16
N ASP A 93 -19.66 11.98 -7.61
CA ASP A 93 -19.42 10.61 -7.14
C ASP A 93 -18.88 9.68 -8.22
N GLU A 94 -19.43 9.82 -9.43
CA GLU A 94 -18.91 9.10 -10.59
C GLU A 94 -17.44 9.47 -10.79
N LEU A 95 -17.15 10.78 -10.75
CA LEU A 95 -15.81 11.26 -10.99
C LEU A 95 -14.84 10.70 -9.97
N LEU A 96 -15.32 10.51 -8.74
CA LEU A 96 -14.50 9.93 -7.70
C LEU A 96 -14.19 8.47 -8.02
N VAL A 97 -15.19 7.75 -8.49
CA VAL A 97 -14.98 6.37 -8.89
C VAL A 97 -13.85 6.35 -9.94
N LEU A 98 -13.96 7.21 -10.95
CA LEU A 98 -12.94 7.25 -11.98
C LEU A 98 -11.54 7.53 -11.40
N LEU A 99 -11.43 8.48 -10.48
CA LEU A 99 -10.13 8.78 -9.90
C LEU A 99 -9.51 7.56 -9.20
N LYS A 100 -10.32 6.82 -8.44
CA LYS A 100 -9.85 5.63 -7.71
C LYS A 100 -9.27 4.58 -8.66
N ASP A 101 -9.95 4.32 -9.77
CA ASP A 101 -9.48 3.36 -10.76
C ASP A 101 -8.18 3.83 -11.41
N ILE A 102 -8.10 5.10 -11.80
CA ILE A 102 -6.86 5.62 -12.39
C ILE A 102 -5.70 5.50 -11.41
N GLU A 103 -5.97 5.79 -10.15
CA GLU A 103 -4.97 5.59 -9.11
C GLU A 103 -4.49 4.15 -9.08
N LEU A 104 -5.43 3.21 -9.14
CA LEU A 104 -5.07 1.79 -9.15
C LEU A 104 -4.30 1.36 -10.41
N LYS A 105 -4.63 1.94 -11.56
CA LYS A 105 -3.94 1.61 -12.82
C LYS A 105 -2.49 2.13 -12.88
N ILE A 106 -2.30 3.42 -12.60
CA ILE A 106 -0.98 4.05 -12.71
C ILE A 106 0.08 3.38 -11.83
N ARG A 118 -0.11 1.97 -4.62
CA ARG A 118 -0.44 3.28 -5.20
C ARG A 118 0.74 4.30 -5.13
N VAL A 119 1.01 4.98 -6.24
CA VAL A 119 2.14 5.91 -6.35
C VAL A 119 1.72 7.29 -6.85
N ILE A 120 0.45 7.61 -6.65
CA ILE A 120 -0.11 8.81 -7.21
C ILE A 120 -1.41 9.09 -6.48
N ASP A 121 -1.68 10.36 -6.26
CA ASP A 121 -2.81 10.81 -5.47
C ASP A 121 -3.70 11.76 -6.28
N LEU A 122 -4.92 11.32 -6.60
CA LEU A 122 -5.89 12.14 -7.32
C LEU A 122 -7.07 12.58 -6.46
N ASP A 123 -7.26 13.89 -6.39
CA ASP A 123 -8.29 14.48 -5.52
C ASP A 123 -9.12 15.49 -6.29
N ILE A 124 -10.42 15.50 -6.04
CA ILE A 124 -11.27 16.56 -6.57
C ILE A 124 -11.14 17.80 -5.71
N LEU A 125 -10.39 18.79 -6.18
CA LEU A 125 -10.18 20.01 -5.39
C LEU A 125 -11.42 20.89 -5.35
N ALA A 126 -12.11 20.99 -6.48
CA ALA A 126 -13.21 21.94 -6.62
C ALA A 126 -14.03 21.66 -7.88
N ALA A 127 -15.28 22.11 -7.84
CA ALA A 127 -16.19 22.07 -8.97
C ALA A 127 -16.91 23.43 -9.00
N GLU A 128 -16.17 24.45 -9.40
CA GLU A 128 -16.66 25.83 -9.40
C GLU A 128 -17.21 26.24 -8.04
N ASP A 129 -18.50 26.58 -7.98
CA ASP A 129 -19.11 27.00 -6.73
C ASP A 129 -19.83 25.87 -6.01
N LEU A 130 -19.66 24.64 -6.47
CA LEU A 130 -20.33 23.50 -5.84
C LEU A 130 -19.93 23.28 -4.38
N ILE A 131 -20.92 22.95 -3.55
CA ILE A 131 -20.65 22.52 -2.18
C ILE A 131 -21.27 21.15 -1.98
N LEU A 132 -20.44 20.16 -1.73
CA LEU A 132 -20.96 18.82 -1.50
C LEU A 132 -20.34 18.28 -0.24
N GLU A 133 -21.19 17.94 0.73
CA GLU A 133 -20.73 17.31 1.94
C GLU A 133 -21.39 15.94 2.04
N THR A 134 -20.56 14.90 2.06
CA THR A 134 -21.00 13.53 2.32
C THR A 134 -19.82 12.80 2.92
N ASP A 135 -20.04 11.57 3.39
CA ASP A 135 -18.92 10.79 3.91
C ASP A 135 -18.00 10.33 2.78
N LYS A 136 -18.57 10.02 1.62
CA LYS A 136 -17.79 9.63 0.45
C LYS A 136 -16.85 10.75 -0.05
N LEU A 137 -17.37 11.96 -0.19
CA LEU A 137 -16.54 13.09 -0.58
C LEU A 137 -17.10 14.45 -0.17
N THR A 138 -16.21 15.40 0.09
CA THR A 138 -16.62 16.77 0.27
C THR A 138 -15.92 17.68 -0.74
N ILE A 139 -16.72 18.50 -1.41
CA ILE A 139 -16.22 19.45 -2.39
C ILE A 139 -16.65 20.84 -1.94
N PRO A 140 -15.70 21.78 -1.84
CA PRO A 140 -14.26 21.63 -2.14
C PRO A 140 -13.57 20.69 -1.17
N HIS A 141 -12.45 20.13 -1.59
CA HIS A 141 -11.70 19.21 -0.75
C HIS A 141 -11.40 19.76 0.64
N LYS A 142 -11.70 18.97 1.68
CA LYS A 142 -11.50 19.36 3.08
C LYS A 142 -10.19 20.10 3.29
N GLU A 143 -9.12 19.54 2.74
CA GLU A 143 -7.77 20.05 3.01
C GLU A 143 -7.26 21.13 2.04
N LEU A 144 -8.05 21.54 1.05
CA LEU A 144 -7.56 22.48 0.06
C LEU A 144 -6.95 23.72 0.69
N ILE A 145 -7.63 24.29 1.67
CA ILE A 145 -7.17 25.52 2.30
C ILE A 145 -6.03 25.28 3.28
N ASN A 146 -5.63 24.02 3.43
CA ASN A 146 -4.50 23.72 4.31
C ASN A 146 -3.30 23.15 3.58
N ARG A 147 -3.34 23.18 2.25
CA ARG A 147 -2.26 22.60 1.45
C ARG A 147 -1.87 23.55 0.36
N SER A 148 -0.74 24.21 0.54
CA SER A 148 -0.22 25.12 -0.47
C SER A 148 -0.03 24.41 -1.81
N PHE A 149 0.24 23.09 -1.77
CA PHE A 149 0.53 22.33 -2.98
C PHE A 149 -0.75 21.97 -3.67
N ALA A 150 -1.87 22.18 -3.00
CA ALA A 150 -3.15 22.00 -3.64
C ALA A 150 -3.70 23.35 -4.09
N LEU A 151 -3.64 24.32 -3.19
CA LEU A 151 -4.28 25.62 -3.43
C LEU A 151 -3.50 26.41 -4.49
N ALA A 152 -2.18 26.26 -4.47
CA ALA A 152 -1.31 26.97 -5.42
C ALA A 152 -1.65 26.65 -6.90
N PRO A 153 -1.56 25.38 -7.30
CA PRO A 153 -1.98 25.13 -8.69
C PRO A 153 -3.48 25.43 -8.97
N LEU A 154 -4.35 25.27 -7.98
CA LEU A 154 -5.78 25.61 -8.18
C LEU A 154 -5.98 27.08 -8.54
N LEU A 155 -5.33 27.98 -7.81
CA LEU A 155 -5.45 29.43 -8.05
C LEU A 155 -4.75 29.82 -9.32
N GLU A 156 -3.73 29.06 -9.68
CA GLU A 156 -3.12 29.24 -10.99
C GLU A 156 -4.11 28.98 -12.15
N LEU A 157 -4.93 27.95 -12.01
CA LEU A 157 -5.89 27.62 -13.05
C LEU A 157 -7.11 28.55 -12.99
N SER A 158 -7.50 28.94 -11.77
CA SER A 158 -8.67 29.79 -11.59
C SER A 158 -8.32 30.94 -10.69
N LYS A 159 -7.69 31.96 -11.24
CA LYS A 159 -7.23 33.05 -10.42
C LYS A 159 -8.38 33.73 -9.65
N GLY A 160 -9.61 33.59 -10.14
CA GLY A 160 -10.74 34.23 -9.50
C GLY A 160 -11.54 33.35 -8.56
N TRP A 161 -11.13 32.09 -8.39
CA TRP A 161 -11.85 31.19 -7.52
C TRP A 161 -11.97 31.68 -6.07
N HIS A 162 -13.18 31.58 -5.52
CA HIS A 162 -13.43 31.78 -4.10
CA HIS A 162 -13.44 31.80 -4.11
C HIS A 162 -14.08 30.52 -3.54
N HIS A 163 -13.68 30.13 -2.33
CA HIS A 163 -14.31 28.97 -1.68
C HIS A 163 -15.80 29.25 -1.45
N PRO A 164 -16.68 28.40 -1.99
CA PRO A 164 -18.14 28.62 -1.94
C PRO A 164 -18.72 28.66 -0.52
N LYS A 165 -18.05 28.07 0.46
CA LYS A 165 -18.49 28.15 1.85
C LYS A 165 -17.97 29.40 2.54
N TYR A 166 -16.93 30.00 1.98
CA TYR A 166 -16.30 31.16 2.58
C TYR A 166 -16.07 32.24 1.56
N VAL A 167 -17.15 32.73 0.95
CA VAL A 167 -17.08 33.65 -0.19
C VAL A 167 -16.31 34.95 0.09
N GLU A 168 -16.00 35.24 1.35
CA GLU A 168 -15.26 36.48 1.63
C GLU A 168 -13.77 36.23 1.85
N TRP A 169 -13.39 34.97 2.01
CA TRP A 169 -11.98 34.59 2.20
C TRP A 169 -11.16 34.80 0.94
N ASP A 170 -10.26 35.78 0.96
CA ASP A 170 -9.38 36.04 -0.17
C ASP A 170 -8.28 34.99 -0.17
N LEU A 171 -8.39 33.99 -1.04
CA LEU A 171 -7.53 32.82 -0.97
C LEU A 171 -6.06 33.08 -1.24
N ASN A 172 -5.74 34.18 -1.92
CA ASN A 172 -4.33 34.52 -2.10
C ASN A 172 -3.59 34.86 -0.80
N ILE A 173 -4.27 35.56 0.11
CA ILE A 173 -3.67 35.84 1.41
C ILE A 173 -3.53 34.52 2.13
N ARG A 174 -4.58 33.69 2.05
CA ARG A 174 -4.53 32.37 2.63
C ARG A 174 -3.35 31.58 2.07
N LEU A 175 -3.19 31.61 0.75
CA LEU A 175 -2.10 30.88 0.12
C LEU A 175 -0.75 31.28 0.71
N LYS A 176 -0.54 32.58 0.87
CA LYS A 176 0.69 33.11 1.44
C LYS A 176 0.93 32.69 2.91
N GLU A 177 -0.13 32.64 3.70
CA GLU A 177 -0.01 32.20 5.09
C GLU A 177 0.45 30.75 5.16
N LEU A 178 0.14 29.99 4.13
CA LEU A 178 0.47 28.56 4.11
C LEU A 178 1.95 28.31 3.90
N GLY A 179 2.33 27.05 4.07
CA GLY A 179 3.67 26.60 3.74
C GLY A 179 3.63 25.21 3.11
N ILE A 181 6.06 27.56 -1.00
CA ILE A 181 6.14 26.41 -1.91
C ILE A 181 6.83 26.74 -3.24
N VAL A 182 7.63 25.78 -3.71
CA VAL A 182 8.44 25.97 -4.91
C VAL A 182 7.68 25.64 -6.20
N LYS A 183 7.68 26.60 -7.12
CA LYS A 183 7.08 26.37 -8.43
C LYS A 183 8.22 26.02 -9.37
N LEU A 184 8.21 24.79 -9.86
CA LEU A 184 9.32 24.29 -10.65
C LEU A 184 9.36 24.92 -12.02
N LYS A 185 10.49 24.78 -12.71
CA LYS A 185 10.56 25.15 -14.13
C LYS A 185 10.40 23.91 -15.02
N GLN A 186 10.37 22.73 -14.39
CA GLN A 186 9.93 21.54 -15.13
C GLN A 186 8.48 21.81 -15.53
N THR A 187 8.10 21.55 -16.77
CA THR A 187 6.69 21.77 -17.12
C THR A 187 6.05 20.50 -17.64
N LEU A 188 4.76 20.60 -17.92
CA LEU A 188 3.96 19.51 -18.45
C LEU A 188 3.90 19.51 -19.99
N ALA A 189 4.71 20.38 -20.60
CA ALA A 189 4.80 20.51 -22.06
C ALA A 189 5.07 19.19 -22.81
N ASN A 190 4.68 19.16 -24.08
CA ASN A 190 4.87 17.99 -24.92
C ASN A 190 6.33 17.70 -25.25
N THR A 191 7.12 18.76 -25.33
CA THR A 191 8.56 18.65 -25.51
C THR A 191 9.25 18.67 -24.15
N ILE A 192 9.92 17.58 -23.79
CA ILE A 192 10.69 17.56 -22.56
C ILE A 192 12.19 17.85 -22.78
N ARG A 193 12.80 18.59 -21.85
CA ARG A 193 14.21 18.88 -21.93
C ARG A 193 15.07 17.85 -21.23
N MET A 194 15.98 17.27 -22.00
CA MET A 194 16.98 16.36 -21.46
C MET A 194 18.30 17.09 -21.24
N GLY A 195 18.66 17.32 -19.98
CA GLY A 195 19.91 18.00 -19.68
C GLY A 195 21.09 17.05 -19.64
N ILE A 196 22.19 17.46 -20.28
CA ILE A 196 23.38 16.61 -20.42
C ILE A 196 24.28 16.69 -19.18
N VAL A 197 24.54 15.56 -18.57
CA VAL A 197 25.51 15.51 -17.48
C VAL A 197 26.66 14.61 -17.93
N ASN A 198 27.78 15.22 -18.28
CA ASN A 198 28.92 14.46 -18.78
C ASN A 198 29.85 14.16 -17.62
N LEU A 199 30.29 12.92 -17.51
CA LEU A 199 31.19 12.57 -16.43
C LEU A 199 32.64 12.46 -16.91
N SER A 200 32.87 12.74 -18.19
CA SER A 200 34.21 12.61 -18.77
C SER A 200 35.06 13.86 -18.55
N ASN A 201 36.14 14.00 -19.30
CA ASN A 201 37.18 15.00 -19.03
C ASN A 201 37.19 16.25 -19.92
N GLN A 202 36.17 16.44 -20.75
CA GLN A 202 36.01 17.72 -21.42
C GLN A 202 35.29 18.67 -20.46
N SER A 203 35.37 18.36 -19.18
CA SER A 203 34.62 19.08 -18.16
C SER A 203 35.11 18.72 -16.75
N SER A 205 35.81 20.95 -13.26
CA SER A 205 37.25 20.64 -13.21
C SER A 205 37.75 20.60 -11.76
N ASP A 206 38.08 19.39 -11.30
CA ASP A 206 38.51 19.17 -9.92
C ASP A 206 39.55 20.19 -9.42
N GLY A 207 39.40 20.57 -8.15
CA GLY A 207 40.44 21.30 -7.44
C GLY A 207 41.11 20.38 -6.44
N ASN A 208 41.97 20.94 -5.59
CA ASN A 208 42.73 20.12 -4.64
C ASN A 208 41.84 19.23 -3.79
N PHE A 209 40.74 19.77 -3.30
CA PHE A 209 39.89 19.02 -2.40
C PHE A 209 38.44 19.11 -2.85
N ASP A 210 38.24 19.50 -4.10
CA ASP A 210 36.89 19.67 -4.62
C ASP A 210 36.70 19.10 -6.02
N ASP A 211 35.78 18.17 -6.12
CA ASP A 211 35.45 17.53 -7.39
C ASP A 211 33.95 17.67 -7.60
N ASN A 212 33.40 18.81 -7.18
CA ASN A 212 31.95 19.05 -7.14
C ASN A 212 31.31 19.45 -8.46
N GLN A 213 32.09 19.52 -9.53
CA GLN A 213 31.61 20.16 -10.75
C GLN A 213 30.36 19.50 -11.31
N ARG A 214 30.37 18.18 -11.36
CA ARG A 214 29.25 17.42 -11.92
C ARG A 214 28.02 17.52 -11.04
N LYS A 215 28.23 17.60 -9.74
CA LYS A 215 27.11 17.78 -8.82
C LYS A 215 26.48 19.18 -8.98
N LEU A 216 27.32 20.23 -8.98
CA LEU A 216 26.84 21.58 -9.21
C LEU A 216 26.01 21.68 -10.49
N ASN A 217 26.49 21.01 -11.54
CA ASN A 217 25.82 21.04 -12.82
C ASN A 217 24.52 20.23 -12.85
N LEU A 218 24.46 19.12 -12.12
CA LEU A 218 23.16 18.49 -11.88
C LEU A 218 22.20 19.52 -11.24
N ASP A 219 22.66 20.19 -10.18
CA ASP A 219 21.85 21.22 -9.51
C ASP A 219 21.34 22.30 -10.46
N GLU A 220 22.26 22.82 -11.29
CA GLU A 220 21.94 23.84 -12.28
C GLU A 220 20.80 23.40 -13.18
N LEU A 221 20.94 22.19 -13.72
CA LEU A 221 20.00 21.64 -14.68
C LEU A 221 18.63 21.46 -14.06
N ILE A 222 18.63 21.03 -12.81
CA ILE A 222 17.38 20.79 -12.11
C ILE A 222 16.64 22.08 -11.74
N GLN A 223 17.39 23.11 -11.31
CA GLN A 223 16.78 24.41 -11.02
C GLN A 223 16.19 25.00 -12.28
N SER A 224 16.83 24.73 -13.42
CA SER A 224 16.47 25.41 -14.65
C SER A 224 15.40 24.73 -15.50
N GLY A 225 14.94 23.55 -15.08
CA GLY A 225 13.76 22.96 -15.72
C GLY A 225 13.99 21.67 -16.48
N ALA A 226 15.22 21.16 -16.51
CA ALA A 226 15.45 19.88 -17.18
C ALA A 226 14.48 18.84 -16.59
N GLU A 227 13.63 18.23 -17.41
CA GLU A 227 12.75 17.16 -16.91
C GLU A 227 13.48 15.82 -16.94
N ILE A 228 14.47 15.71 -17.81
CA ILE A 228 15.25 14.48 -17.93
C ILE A 228 16.71 14.86 -17.88
N ILE A 229 17.54 14.04 -17.22
CA ILE A 229 18.99 14.19 -17.36
C ILE A 229 19.62 13.00 -18.10
N ASP A 230 20.58 13.31 -18.96
CA ASP A 230 21.28 12.26 -19.69
C ASP A 230 22.73 12.21 -19.23
N ILE A 231 23.05 11.13 -18.54
CA ILE A 231 24.34 10.97 -17.89
C ILE A 231 25.24 10.09 -18.75
N GLY A 232 26.37 10.66 -19.17
CA GLY A 232 27.32 9.95 -20.00
C GLY A 232 28.73 10.01 -19.42
N ALA A 233 29.48 8.92 -19.55
CA ALA A 233 30.81 8.86 -18.97
C ALA A 233 31.95 8.89 -20.01
N GLU A 234 31.61 8.78 -21.29
CA GLU A 234 32.62 8.92 -22.35
C GLU A 234 32.71 10.37 -22.84
N SER A 235 33.68 10.66 -23.71
CA SER A 235 33.86 12.02 -24.24
C SER A 235 33.85 12.08 -25.78
N THR A 236 34.54 13.08 -26.33
CA THR A 236 34.77 13.19 -27.77
C THR A 236 36.11 13.88 -28.07
N LYS A 241 40.74 9.04 -26.11
CA LYS A 241 41.18 7.65 -25.90
C LYS A 241 40.14 6.82 -25.15
N PRO A 242 39.80 5.64 -25.69
CA PRO A 242 38.75 4.75 -25.17
C PRO A 242 38.87 4.55 -23.69
N ILE A 243 37.76 4.19 -23.03
CA ILE A 243 37.84 3.79 -21.63
C ILE A 243 37.27 2.39 -21.50
N SER A 244 37.69 1.67 -20.48
CA SER A 244 37.23 0.31 -20.29
C SER A 244 35.78 0.27 -19.77
N ILE A 245 35.16 -0.88 -19.99
CA ILE A 245 33.86 -1.20 -19.41
C ILE A 245 33.81 -0.89 -17.93
N GLU A 246 34.83 -1.34 -17.22
CA GLU A 246 34.86 -1.26 -15.77
C GLU A 246 35.02 0.18 -15.29
N GLU A 247 35.70 0.99 -16.10
CA GLU A 247 35.97 2.38 -15.77
C GLU A 247 34.74 3.22 -16.08
N GLU A 248 34.15 3.00 -17.26
CA GLU A 248 32.91 3.66 -17.60
C GLU A 248 31.85 3.30 -16.56
N PHE A 249 31.74 2.03 -16.20
CA PHE A 249 30.75 1.64 -15.21
C PHE A 249 30.96 2.38 -13.89
N ASN A 250 32.20 2.45 -13.43
CA ASN A 250 32.51 3.09 -12.14
C ASN A 250 32.13 4.58 -12.10
N LYS A 251 32.39 5.31 -13.17
CA LYS A 251 31.98 6.70 -13.26
C LYS A 251 30.46 6.83 -13.15
N LEU A 252 29.74 6.03 -13.94
CA LEU A 252 28.29 6.09 -13.94
C LEU A 252 27.73 5.70 -12.59
N ASN A 253 28.24 4.61 -12.05
CA ASN A 253 27.73 4.08 -10.79
C ASN A 253 27.97 5.04 -9.61
N GLU A 254 29.15 5.64 -9.54
CA GLU A 254 29.43 6.63 -8.50
C GLU A 254 28.44 7.78 -8.60
N PHE A 255 28.05 8.13 -9.81
CA PHE A 255 27.13 9.25 -9.93
C PHE A 255 25.69 8.87 -9.61
N LEU A 256 25.23 7.70 -10.06
CA LEU A 256 23.90 7.22 -9.69
C LEU A 256 23.80 6.98 -8.16
N GLU A 257 24.87 6.53 -7.53
CA GLU A 257 24.85 6.34 -6.08
C GLU A 257 24.77 7.70 -5.38
N TYR A 258 25.44 8.68 -5.98
CA TYR A 258 25.32 10.03 -5.48
C TYR A 258 23.89 10.55 -5.68
N PHE A 259 23.34 10.39 -6.89
CA PHE A 259 21.96 10.73 -7.19
C PHE A 259 21.02 10.15 -6.13
N LYS A 260 21.12 8.85 -5.89
CA LYS A 260 20.26 8.20 -4.90
C LYS A 260 20.37 8.80 -3.50
N SER A 261 21.58 9.18 -3.11
CA SER A 261 21.78 9.71 -1.77
C SER A 261 21.15 11.09 -1.64
N GLN A 262 20.93 11.74 -2.78
CA GLN A 262 20.34 13.09 -2.82
C GLN A 262 18.85 13.06 -3.06
N LEU A 263 18.29 11.88 -3.32
CA LEU A 263 16.90 11.74 -3.74
C LEU A 263 15.92 12.62 -2.96
N ALA A 264 16.10 12.72 -1.65
CA ALA A 264 15.19 13.53 -0.82
C ALA A 264 15.60 15.00 -0.74
N ASN A 265 16.76 15.33 -1.30
CA ASN A 265 17.28 16.70 -1.32
C ASN A 265 16.95 17.40 -2.64
N LEU A 266 16.45 16.63 -3.59
CA LEU A 266 16.11 17.12 -4.92
C LEU A 266 14.72 17.75 -4.92
N ILE A 267 14.63 19.02 -5.30
CA ILE A 267 13.31 19.67 -5.38
C ILE A 267 12.45 19.00 -6.45
N TYR A 268 13.13 18.32 -7.36
CA TYR A 268 12.54 17.56 -8.45
C TYR A 268 13.47 16.38 -8.79
N LYS A 269 12.90 15.19 -8.86
CA LYS A 269 13.65 14.00 -9.26
C LYS A 269 13.46 13.76 -10.76
N PRO A 270 14.47 14.10 -11.57
CA PRO A 270 14.34 13.93 -13.01
C PRO A 270 14.36 12.46 -13.41
N LEU A 271 13.74 12.17 -14.54
CA LEU A 271 13.95 10.93 -15.26
C LEU A 271 15.43 10.82 -15.62
N VAL A 272 15.93 9.59 -15.60
CA VAL A 272 17.33 9.36 -15.86
C VAL A 272 17.52 8.54 -17.11
N SER A 273 18.33 9.10 -18.01
CA SER A 273 18.77 8.43 -19.23
C SER A 273 20.26 8.14 -19.09
N ILE A 274 20.66 6.92 -19.41
CA ILE A 274 22.09 6.61 -19.44
C ILE A 274 22.64 6.67 -20.85
N ASP A 275 23.80 7.29 -21.00
CA ASP A 275 24.45 7.40 -22.28
C ASP A 275 25.65 6.44 -22.34
N THR A 276 25.49 5.30 -22.99
CA THR A 276 26.59 4.36 -23.20
C THR A 276 26.37 3.50 -24.42
N ARG A 277 27.47 3.19 -25.11
CA ARG A 277 27.41 2.37 -26.31
C ARG A 277 27.80 0.93 -26.03
N LYS A 278 28.00 0.59 -24.75
CA LYS A 278 28.52 -0.71 -24.36
C LYS A 278 27.51 -1.61 -23.69
N LEU A 279 27.27 -2.78 -24.29
CA LEU A 279 26.26 -3.68 -23.78
C LEU A 279 26.53 -3.96 -22.31
N GLU A 280 27.80 -4.16 -21.99
CA GLU A 280 28.21 -4.57 -20.65
C GLU A 280 28.00 -3.52 -19.58
N VAL A 281 28.27 -2.25 -19.88
CA VAL A 281 27.92 -1.23 -18.90
C VAL A 281 26.41 -1.11 -18.69
N MET A 282 25.62 -1.20 -19.77
CA MET A 282 24.16 -1.24 -19.66
C MET A 282 23.71 -2.31 -18.68
N GLN A 283 24.24 -3.52 -18.88
CA GLN A 283 23.89 -4.67 -18.06
C GLN A 283 24.19 -4.38 -16.62
N LYS A 284 25.40 -3.92 -16.34
CA LYS A 284 25.80 -3.61 -14.98
C LYS A 284 24.96 -2.47 -14.40
N ILE A 285 24.79 -1.40 -15.15
CA ILE A 285 24.11 -0.24 -14.61
C ILE A 285 22.61 -0.49 -14.39
N LEU A 286 21.96 -1.24 -15.27
CA LEU A 286 20.56 -1.57 -15.04
C LEU A 286 20.38 -2.53 -13.84
N ALA A 287 21.31 -3.48 -13.70
CA ALA A 287 21.30 -4.40 -12.57
C ALA A 287 21.18 -3.69 -11.24
N LYS A 288 21.98 -2.65 -11.08
CA LYS A 288 22.08 -1.94 -9.82
C LYS A 288 21.10 -0.76 -9.68
N HIS A 289 20.61 -0.25 -10.81
CA HIS A 289 19.99 1.06 -10.79
C HIS A 289 18.78 1.17 -11.69
N HIS A 290 18.25 0.04 -12.13
CA HIS A 290 17.18 0.10 -13.10
C HIS A 290 16.02 0.86 -12.50
N ASP A 291 15.93 0.83 -11.18
CA ASP A 291 14.82 1.46 -10.48
C ASP A 291 14.74 2.99 -10.61
N ILE A 292 15.85 3.63 -11.02
CA ILE A 292 15.84 5.08 -11.28
C ILE A 292 16.20 5.44 -12.71
N ILE A 293 16.35 4.43 -13.57
CA ILE A 293 16.70 4.68 -14.97
C ILE A 293 15.44 4.61 -15.84
N TRP A 294 15.30 5.55 -16.75
CA TRP A 294 14.08 5.64 -17.55
C TRP A 294 14.39 5.24 -18.99
N MET A 295 15.60 5.53 -19.42
CA MET A 295 15.92 5.39 -20.83
C MET A 295 17.38 5.06 -21.05
N ILE A 296 17.67 4.39 -22.16
CA ILE A 296 19.05 4.16 -22.58
C ILE A 296 19.30 4.88 -23.90
N ASN A 297 20.35 5.69 -23.93
CA ASN A 297 20.73 6.41 -25.12
C ASN A 297 22.03 5.79 -25.66
N ASP A 298 21.95 5.15 -26.82
CA ASP A 298 23.03 4.31 -27.34
C ASP A 298 23.47 4.71 -28.75
N VAL A 299 24.68 5.25 -28.89
CA VAL A 299 25.20 5.61 -30.22
C VAL A 299 25.97 4.49 -30.94
N GLU A 300 25.63 3.24 -30.70
CA GLU A 300 26.38 2.13 -31.28
C GLU A 300 25.53 0.91 -31.54
N CYS A 301 25.27 0.63 -32.81
CA CYS A 301 24.42 -0.50 -33.18
C CYS A 301 25.10 -1.84 -32.93
N ASN A 302 26.39 -1.81 -32.61
CA ASN A 302 27.09 -3.01 -32.22
C ASN A 302 26.33 -3.75 -31.11
N ASN A 303 26.08 -5.03 -31.32
CA ASN A 303 25.41 -5.87 -30.32
C ASN A 303 23.93 -5.58 -30.12
N ILE A 304 23.29 -4.94 -31.09
CA ILE A 304 21.87 -4.59 -30.99
C ILE A 304 21.01 -5.72 -30.40
N GLU A 305 21.13 -6.93 -30.94
CA GLU A 305 20.28 -8.03 -30.50
C GLU A 305 20.32 -8.20 -28.99
N GLN A 306 21.53 -8.23 -28.45
CA GLN A 306 21.67 -8.43 -27.02
C GLN A 306 21.13 -7.21 -26.27
N LYS A 307 21.45 -6.03 -26.78
CA LYS A 307 20.94 -4.79 -26.21
C LYS A 307 19.40 -4.78 -26.16
N ALA A 308 18.75 -5.10 -27.28
CA ALA A 308 17.29 -5.14 -27.32
C ALA A 308 16.68 -6.11 -26.31
N GLN A 309 17.35 -7.23 -26.07
CA GLN A 309 16.85 -8.22 -25.11
C GLN A 309 16.93 -7.69 -23.68
N LEU A 310 17.98 -6.93 -23.42
CA LEU A 310 18.22 -6.35 -22.11
C LEU A 310 17.18 -5.27 -21.85
N ILE A 311 17.07 -4.36 -22.80
CA ILE A 311 16.17 -3.22 -22.69
C ILE A 311 14.72 -3.70 -22.62
N ALA A 312 14.39 -4.67 -23.46
CA ALA A 312 13.06 -5.28 -23.42
C ALA A 312 12.78 -5.80 -22.01
N LYS A 313 13.70 -6.61 -21.51
CA LYS A 313 13.57 -7.19 -20.18
C LYS A 313 13.35 -6.15 -19.10
N TYR A 314 14.00 -5.00 -19.25
CA TYR A 314 13.96 -3.98 -18.20
C TYR A 314 12.91 -2.92 -18.45
N ASN A 315 12.20 -3.06 -19.56
CA ASN A 315 11.09 -2.17 -19.89
C ASN A 315 11.50 -0.71 -19.90
N LYS A 316 12.62 -0.39 -20.54
CA LYS A 316 13.12 0.98 -20.62
C LYS A 316 13.00 1.59 -22.01
N LYS A 317 13.16 2.90 -22.11
CA LYS A 317 13.12 3.56 -23.41
C LYS A 317 14.45 3.36 -24.13
N TYR A 318 14.40 3.31 -25.46
CA TYR A 318 15.61 3.18 -26.27
C TYR A 318 15.65 4.30 -27.30
N VAL A 319 16.84 4.83 -27.52
CA VAL A 319 17.03 5.82 -28.56
C VAL A 319 17.88 5.24 -29.68
N ILE A 320 17.32 5.20 -30.88
CA ILE A 320 18.08 4.85 -32.08
C ILE A 320 18.82 6.07 -32.62
N ILE A 321 20.13 5.96 -32.82
CA ILE A 321 20.90 7.08 -33.33
C ILE A 321 21.54 6.78 -34.69
N HIS A 322 21.65 7.80 -35.53
CA HIS A 322 22.22 7.63 -36.87
C HIS A 322 23.75 7.63 -36.83
N ASN A 323 24.33 6.44 -36.77
CA ASN A 323 25.78 6.28 -36.73
C ASN A 323 26.26 5.15 -37.64
N ASP A 340 15.90 11.60 -45.84
CA ASP A 340 16.56 11.05 -47.02
C ASP A 340 16.58 9.52 -46.97
N ASN A 341 17.77 8.95 -47.15
CA ASN A 341 17.96 7.51 -47.00
C ASN A 341 18.00 7.18 -45.52
N VAL A 342 18.35 8.18 -44.72
CA VAL A 342 18.45 8.09 -43.27
C VAL A 342 17.23 7.44 -42.61
N CYS A 343 16.06 7.66 -43.23
CA CYS A 343 14.85 6.98 -42.81
C CYS A 343 15.14 5.49 -42.68
N ASP A 344 15.63 4.90 -43.77
CA ASP A 344 15.83 3.45 -43.82
C ASP A 344 16.87 2.94 -42.82
N TYR A 345 17.94 3.69 -42.59
CA TYR A 345 18.88 3.31 -41.55
C TYR A 345 18.13 3.06 -40.23
N ILE A 346 17.40 4.07 -39.80
CA ILE A 346 16.62 4.01 -38.58
C ILE A 346 15.52 2.96 -38.68
N GLU A 347 15.02 2.75 -39.90
CA GLU A 347 13.93 1.80 -40.09
C GLU A 347 14.39 0.36 -39.82
N GLN A 348 15.59 0.03 -40.31
CA GLN A 348 16.16 -1.30 -40.11
C GLN A 348 16.41 -1.61 -38.64
N LYS A 349 17.18 -0.74 -37.98
CA LYS A 349 17.43 -0.89 -36.55
C LYS A 349 16.09 -1.03 -35.83
N LYS A 350 15.14 -0.21 -36.27
CA LYS A 350 13.79 -0.16 -35.69
C LYS A 350 13.09 -1.51 -35.66
N GLN A 351 13.23 -2.28 -36.73
CA GLN A 351 12.54 -3.56 -36.86
C GLN A 351 13.21 -4.65 -36.00
N ILE A 352 14.54 -4.60 -35.88
CA ILE A 352 15.25 -5.52 -34.99
C ILE A 352 14.76 -5.43 -33.55
N LEU A 353 14.70 -4.22 -33.02
CA LEU A 353 14.27 -4.00 -31.63
C LEU A 353 12.87 -4.55 -31.38
N LEU A 354 11.92 -4.20 -32.26
CA LEU A 354 10.58 -4.76 -32.18
C LEU A 354 10.70 -6.29 -32.21
N LYS A 355 11.56 -6.78 -33.09
CA LYS A 355 11.76 -8.20 -33.25
C LYS A 355 12.27 -8.85 -31.96
N HIS A 356 12.93 -8.07 -31.12
CA HIS A 356 13.45 -8.62 -29.87
C HIS A 356 12.62 -8.35 -28.60
N GLY A 357 11.49 -7.65 -28.75
CA GLY A 357 10.50 -7.64 -27.68
C GLY A 357 10.20 -6.33 -26.99
N ILE A 358 10.60 -5.22 -27.60
CA ILE A 358 10.35 -3.92 -26.99
C ILE A 358 9.30 -3.13 -27.76
N ALA A 359 8.32 -2.61 -27.03
CA ALA A 359 7.18 -1.93 -27.62
C ALA A 359 7.57 -0.68 -28.40
N GLN A 360 6.90 -0.44 -29.52
CA GLN A 360 7.29 0.65 -30.40
C GLN A 360 7.22 2.02 -29.73
N GLN A 361 6.31 2.16 -28.76
CA GLN A 361 6.13 3.43 -28.08
C GLN A 361 7.36 3.78 -27.28
N ASN A 362 8.19 2.76 -27.02
CA ASN A 362 9.36 2.93 -26.16
C ASN A 362 10.61 3.32 -26.95
N ILE A 363 10.45 3.50 -28.25
CA ILE A 363 11.58 3.77 -29.13
C ILE A 363 11.59 5.21 -29.62
N TYR A 364 12.72 5.88 -29.41
CA TYR A 364 12.96 7.21 -29.97
C TYR A 364 14.04 7.11 -31.06
N PHE A 365 14.02 8.03 -32.01
CA PHE A 365 15.09 8.11 -32.99
C PHE A 365 15.81 9.45 -32.81
N ASP A 366 17.03 9.53 -33.31
CA ASP A 366 17.83 10.74 -33.20
C ASP A 366 18.62 10.96 -34.49
N ILE A 367 18.57 12.17 -35.03
CA ILE A 367 19.29 12.49 -36.26
C ILE A 367 20.78 12.22 -36.11
N GLY A 368 21.33 12.61 -34.97
CA GLY A 368 22.73 12.39 -34.69
C GLY A 368 23.62 13.33 -35.47
N PHE A 369 23.46 14.62 -35.22
CA PHE A 369 24.28 15.63 -35.89
C PHE A 369 25.76 15.45 -35.52
N GLY A 370 26.42 14.50 -36.15
CA GLY A 370 27.81 14.20 -35.86
C GLY A 370 28.18 12.81 -36.34
N GLU A 383 16.30 21.13 -40.78
CA GLU A 383 15.22 22.05 -41.10
C GLU A 383 13.91 21.30 -41.38
N ASN A 384 13.99 19.98 -41.51
CA ASN A 384 12.81 19.16 -41.75
C ASN A 384 12.78 17.84 -40.97
N ILE A 385 12.83 17.98 -39.64
CA ILE A 385 12.75 16.84 -38.73
C ILE A 385 11.32 16.32 -38.62
N ILE A 386 10.36 17.22 -38.72
CA ILE A 386 8.95 16.85 -38.56
C ILE A 386 8.50 15.94 -39.69
N GLU A 387 9.03 16.20 -40.88
CA GLU A 387 8.78 15.33 -42.02
C GLU A 387 9.25 13.93 -41.68
N ILE A 388 10.45 13.86 -41.13
CA ILE A 388 11.09 12.58 -40.85
C ILE A 388 10.36 11.80 -39.78
N LYS A 389 10.06 12.45 -38.66
CA LYS A 389 9.37 11.79 -37.55
C LYS A 389 8.11 11.15 -38.06
N ARG A 390 7.32 11.95 -38.78
CA ARG A 390 6.03 11.52 -39.29
C ARG A 390 6.14 10.30 -40.21
N ARG A 391 7.18 10.26 -41.03
CA ARG A 391 7.43 9.08 -41.85
C ARG A 391 7.75 7.91 -40.92
N LEU A 392 8.55 8.19 -39.89
CA LEU A 392 9.24 7.13 -39.15
C LEU A 392 8.40 6.34 -38.16
N GLU A 393 7.27 6.88 -37.71
CA GLU A 393 6.44 6.21 -36.72
C GLU A 393 7.08 6.23 -35.32
N LEU A 394 8.03 7.13 -35.11
CA LEU A 394 8.75 7.16 -33.84
C LEU A 394 8.93 8.58 -33.33
N LYS A 395 8.93 8.71 -32.01
CA LYS A 395 9.13 9.99 -31.35
C LYS A 395 10.52 10.58 -31.59
N ALA A 396 10.60 11.90 -31.79
CA ALA A 396 11.86 12.53 -32.11
C ALA A 396 12.61 13.01 -30.86
N LEU A 397 13.88 12.63 -30.79
CA LEU A 397 14.81 13.22 -29.83
C LEU A 397 15.78 14.08 -30.65
N VAL A 398 16.04 15.29 -30.20
CA VAL A 398 16.95 16.17 -30.92
C VAL A 398 18.09 16.65 -30.04
N GLY A 399 19.32 16.40 -30.50
CA GLY A 399 20.50 16.86 -29.80
C GLY A 399 21.27 17.93 -30.58
N HIS A 400 20.87 19.18 -30.43
CA HIS A 400 21.46 20.27 -31.19
C HIS A 400 22.43 21.09 -30.34
N SER A 401 22.51 20.77 -29.06
CA SER A 401 23.22 21.65 -28.13
C SER A 401 24.71 21.79 -28.43
N ARG A 402 25.15 23.04 -28.54
CA ARG A 402 26.57 23.33 -28.75
C ARG A 402 27.18 22.69 -30.01
N LYS A 403 26.37 22.51 -31.05
CA LYS A 403 26.86 22.03 -32.33
C LYS A 403 26.89 23.17 -33.34
N PRO A 404 28.08 23.73 -33.61
CA PRO A 404 28.25 24.98 -34.37
C PRO A 404 27.58 24.94 -35.75
N SER A 405 27.49 23.75 -36.35
CA SER A 405 26.91 23.61 -37.67
C SER A 405 25.43 23.93 -37.68
N VAL A 406 24.65 23.12 -36.97
CA VAL A 406 23.20 23.27 -36.90
C VAL A 406 22.78 24.60 -36.30
N LEU A 407 23.66 25.18 -35.48
CA LEU A 407 23.41 26.48 -34.86
C LEU A 407 23.81 27.61 -35.81
N GLY A 408 24.39 27.24 -36.94
CA GLY A 408 24.87 28.20 -37.90
C GLY A 408 25.74 29.28 -37.26
N LEU A 409 26.71 28.84 -36.45
CA LEU A 409 27.68 29.77 -35.89
C LEU A 409 29.10 29.37 -36.33
N THR A 410 30.03 30.31 -36.21
CA THR A 410 31.45 30.01 -36.37
C THR A 410 31.84 28.94 -35.36
N LYS A 411 32.86 28.14 -35.68
CA LYS A 411 33.22 27.01 -34.82
C LYS A 411 34.18 27.41 -33.70
N ASP A 412 34.57 28.69 -33.69
CA ASP A 412 35.45 29.22 -32.66
C ASP A 412 34.65 29.86 -31.53
N SER A 413 33.37 30.11 -31.78
CA SER A 413 32.51 30.80 -30.82
C SER A 413 32.54 30.13 -29.45
N ASN A 414 32.43 30.95 -28.42
CA ASN A 414 32.58 30.50 -27.04
C ASN A 414 31.33 29.83 -26.47
N LEU A 415 31.51 29.06 -25.40
CA LEU A 415 30.41 28.32 -24.78
C LEU A 415 29.24 29.23 -24.43
N ALA A 416 29.53 30.52 -24.24
CA ALA A 416 28.51 31.50 -23.93
C ALA A 416 27.59 31.75 -25.11
N THR A 417 28.16 31.80 -26.31
CA THR A 417 27.39 32.16 -27.51
C THR A 417 26.71 30.93 -28.10
N LEU A 418 27.36 29.79 -27.93
CA LEU A 418 26.77 28.50 -28.29
C LEU A 418 25.48 28.26 -27.50
N ASP A 419 25.58 28.40 -26.18
CA ASP A 419 24.43 28.19 -25.30
C ASP A 419 23.30 29.15 -25.63
N ARG A 420 23.65 30.34 -26.13
CA ARG A 420 22.65 31.32 -26.49
C ARG A 420 21.86 30.88 -27.72
N ALA A 421 22.56 30.63 -28.82
CA ALA A 421 21.92 30.20 -30.05
C ALA A 421 21.07 28.97 -29.82
N THR A 422 21.53 28.09 -28.93
CA THR A 422 20.82 26.85 -28.67
C THR A 422 19.50 27.07 -27.94
N ARG A 423 19.46 27.94 -26.94
CA ARG A 423 18.17 28.30 -26.33
C ARG A 423 17.22 28.85 -27.38
N GLU A 424 17.74 29.73 -28.24
CA GLU A 424 16.95 30.31 -29.32
C GLU A 424 16.33 29.24 -30.19
N LEU A 425 17.12 28.23 -30.54
CA LEU A 425 16.63 27.16 -31.37
C LEU A 425 15.76 26.17 -30.55
N SER A 426 16.10 25.97 -29.28
CA SER A 426 15.32 25.10 -28.41
C SER A 426 13.89 25.62 -28.35
N ARG A 427 13.76 26.92 -28.13
CA ARG A 427 12.47 27.61 -28.09
C ARG A 427 11.72 27.44 -29.40
N LYS A 428 12.45 27.16 -30.47
CA LYS A 428 11.84 26.93 -31.78
C LYS A 428 11.36 25.49 -31.96
N LEU A 429 12.16 24.53 -31.51
CA LEU A 429 11.78 23.12 -31.63
C LEU A 429 10.66 22.76 -30.65
N GLU A 430 10.55 23.54 -29.58
CA GLU A 430 9.49 23.34 -28.60
C GLU A 430 8.12 23.56 -29.21
N LYS A 431 8.03 24.45 -30.20
CA LYS A 431 6.75 24.77 -30.84
C LYS A 431 6.29 23.67 -31.78
N LEU A 432 7.24 22.89 -32.28
CA LEU A 432 6.93 21.83 -33.23
C LEU A 432 6.63 20.49 -32.53
N ASP A 433 6.65 20.49 -31.20
CA ASP A 433 6.34 19.28 -30.44
C ASP A 433 7.35 18.13 -30.62
N ILE A 434 8.62 18.49 -30.78
CA ILE A 434 9.69 17.52 -30.65
C ILE A 434 9.51 16.85 -29.30
N ASP A 435 9.55 15.53 -29.26
CA ASP A 435 9.29 14.85 -28.00
C ASP A 435 10.40 15.10 -26.95
N ILE A 436 11.66 15.06 -27.37
CA ILE A 436 12.79 15.36 -26.47
C ILE A 436 13.86 16.23 -27.13
N ILE A 437 14.25 17.32 -26.48
CA ILE A 437 15.45 18.04 -26.92
C ILE A 437 16.56 17.88 -25.88
N ARG A 438 17.76 17.58 -26.36
CA ARG A 438 18.86 17.24 -25.46
C ARG A 438 19.85 18.39 -25.45
N VAL A 439 20.00 19.03 -24.29
CA VAL A 439 20.77 20.29 -24.21
C VAL A 439 21.70 20.40 -22.99
N HIS A 440 22.72 21.26 -23.09
CA HIS A 440 23.67 21.45 -22.00
C HIS A 440 23.17 22.48 -21.01
N LYS A 441 22.28 23.34 -21.48
CA LYS A 441 21.82 24.46 -20.70
C LYS A 441 20.36 24.67 -21.04
N ILE A 442 19.56 25.03 -20.06
CA ILE A 442 18.14 25.34 -20.32
C ILE A 442 17.94 26.85 -20.51
N MET B 21 -23.44 -31.04 -7.96
CA MET B 21 -22.60 -30.71 -6.81
C MET B 21 -21.15 -31.09 -7.05
N VAL B 22 -20.26 -30.10 -6.95
CA VAL B 22 -18.82 -30.33 -7.01
C VAL B 22 -18.11 -29.81 -5.74
N GLN B 23 -17.04 -30.49 -5.37
CA GLN B 23 -16.26 -30.14 -4.17
C GLN B 23 -15.11 -29.21 -4.59
N TYR B 24 -15.10 -27.98 -4.06
CA TYR B 24 -14.00 -27.05 -4.33
C TYR B 24 -13.17 -26.88 -3.06
N ILE B 25 -11.87 -26.62 -3.24
CA ILE B 25 -11.01 -26.12 -2.16
C ILE B 25 -10.62 -24.69 -2.45
N ILE B 26 -11.03 -23.79 -1.56
CA ILE B 26 -10.75 -22.37 -1.74
C ILE B 26 -9.60 -21.96 -0.83
N GLY B 27 -8.54 -21.40 -1.42
CA GLY B 27 -7.44 -20.81 -0.68
C GLY B 27 -7.85 -19.42 -0.22
N ILE B 28 -7.53 -19.12 1.02
CA ILE B 28 -7.86 -17.83 1.60
C ILE B 28 -6.62 -17.29 2.28
N GLY B 29 -6.13 -16.14 1.85
CA GLY B 29 -5.00 -15.54 2.51
C GLY B 29 -5.23 -14.08 2.83
N THR B 30 -4.62 -13.60 3.90
CA THR B 30 -4.66 -12.18 4.19
C THR B 30 -3.40 -11.79 4.93
N ASN B 31 -2.98 -10.54 4.78
CA ASN B 31 -1.95 -10.00 5.66
C ASN B 31 -2.11 -8.52 5.98
N SER B 32 -3.34 -8.07 6.18
CA SER B 32 -3.55 -6.68 6.56
C SER B 32 -4.73 -6.52 7.47
N GLY B 33 -4.67 -5.51 8.34
CA GLY B 33 -5.72 -5.28 9.31
C GLY B 33 -5.89 -6.47 10.24
N PHE B 34 -7.14 -6.78 10.55
CA PHE B 34 -7.45 -7.81 11.53
C PHE B 34 -7.54 -9.13 10.81
N THR B 35 -6.39 -9.78 10.65
CA THR B 35 -6.25 -10.92 9.75
C THR B 35 -7.26 -12.04 10.03
N ILE B 36 -7.38 -12.45 11.29
CA ILE B 36 -8.25 -13.58 11.57
C ILE B 36 -9.71 -13.19 11.31
N GLU B 37 -10.02 -11.92 11.50
CA GLU B 37 -11.38 -11.48 11.22
C GLU B 37 -11.65 -11.51 9.72
N ASN B 38 -10.72 -10.96 8.93
CA ASN B 38 -10.82 -11.02 7.47
C ASN B 38 -11.08 -12.45 6.97
N ILE B 39 -10.33 -13.42 7.48
CA ILE B 39 -10.52 -14.81 7.09
C ILE B 39 -11.93 -15.29 7.44
N HIS B 40 -12.31 -15.13 8.71
CA HIS B 40 -13.64 -15.51 9.17
C HIS B 40 -14.73 -14.85 8.35
N LEU B 41 -14.51 -13.62 7.90
CA LEU B 41 -15.58 -12.94 7.15
C LEU B 41 -15.66 -13.51 5.74
N ALA B 42 -14.52 -13.87 5.16
CA ALA B 42 -14.55 -14.39 3.80
C ALA B 42 -15.27 -15.74 3.83
N ILE B 43 -15.02 -16.51 4.88
CA ILE B 43 -15.70 -17.80 5.05
C ILE B 43 -17.21 -17.63 5.25
N THR B 44 -17.61 -16.67 6.07
CA THR B 44 -19.03 -16.42 6.33
C THR B 44 -19.77 -16.04 5.06
N ALA B 45 -19.13 -15.19 4.27
CA ALA B 45 -19.67 -14.72 3.01
C ALA B 45 -19.92 -15.90 2.08
N LEU B 46 -19.00 -16.87 2.11
CA LEU B 46 -19.13 -18.07 1.28
C LEU B 46 -20.25 -18.98 1.78
N GLU B 47 -20.29 -19.21 3.09
CA GLU B 47 -21.34 -20.00 3.72
C GLU B 47 -22.72 -19.34 3.58
N SER B 48 -22.75 -18.04 3.29
CA SER B 48 -24.04 -17.34 3.17
C SER B 48 -24.69 -17.53 1.79
N GLN B 49 -23.94 -18.01 0.81
CA GLN B 49 -24.50 -18.39 -0.48
C GLN B 49 -25.39 -19.65 -0.35
N GLN B 50 -26.54 -19.66 -1.03
CA GLN B 50 -27.50 -20.74 -0.90
C GLN B 50 -27.13 -21.98 -1.74
N ASN B 51 -26.22 -21.80 -2.69
CA ASN B 51 -25.65 -22.92 -3.44
C ASN B 51 -24.20 -23.24 -2.99
N ILE B 52 -23.85 -22.93 -1.76
CA ILE B 52 -22.52 -23.27 -1.24
C ILE B 52 -22.64 -23.87 0.13
N ARG B 53 -21.97 -24.99 0.35
CA ARG B 53 -21.96 -25.56 1.67
C ARG B 53 -20.53 -25.83 2.15
N ILE B 54 -20.21 -25.31 3.32
CA ILE B 54 -18.91 -25.54 3.93
C ILE B 54 -18.82 -26.95 4.45
N ILE B 55 -17.87 -27.70 3.93
CA ILE B 55 -17.62 -29.05 4.40
C ILE B 55 -16.60 -29.00 5.56
N ARG B 56 -15.50 -28.30 5.35
CA ARG B 56 -14.46 -28.24 6.37
C ARG B 56 -13.48 -27.09 6.17
N LYS B 57 -12.97 -26.60 7.28
CA LYS B 57 -11.99 -25.54 7.31
C LYS B 57 -10.66 -26.15 7.71
N ALA B 58 -9.58 -25.72 7.06
CA ALA B 58 -8.25 -26.19 7.41
C ALA B 58 -7.77 -25.42 8.62
N SER B 59 -6.57 -25.74 9.07
CA SER B 59 -5.94 -24.98 10.13
C SER B 59 -5.51 -23.59 9.63
N LEU B 60 -4.93 -22.82 10.53
CA LEU B 60 -4.34 -21.53 10.16
C LEU B 60 -2.83 -21.64 10.06
N TYR B 61 -2.27 -21.00 9.03
CA TYR B 61 -0.85 -21.08 8.73
C TYR B 61 -0.26 -19.69 8.54
N SER B 62 0.96 -19.52 8.97
CA SER B 62 1.63 -18.24 8.87
C SER B 62 2.76 -18.38 7.89
N SER B 63 2.84 -17.47 6.93
CA SER B 63 3.93 -17.46 5.96
C SER B 63 4.43 -16.03 5.77
N LYS B 64 5.64 -15.90 5.19
CA LYS B 64 6.39 -14.64 5.16
C LYS B 64 5.96 -13.60 4.12
N ALA B 65 6.01 -13.96 2.84
CA ALA B 65 5.70 -12.99 1.76
C ALA B 65 5.87 -13.58 0.37
N ILE B 77 3.79 -7.37 7.26
CA ILE B 77 3.41 -8.39 8.25
C ILE B 77 3.27 -9.81 7.67
N ARG B 78 3.27 -10.81 8.53
CA ARG B 78 3.15 -12.16 8.02
C ARG B 78 1.73 -12.40 7.46
N PHE B 79 1.64 -13.25 6.44
CA PHE B 79 0.37 -13.71 5.91
C PHE B 79 -0.30 -14.67 6.86
N LEU B 80 -1.63 -14.64 6.87
CA LEU B 80 -2.42 -15.63 7.58
C LEU B 80 -3.19 -16.36 6.49
N ASN B 81 -3.03 -17.68 6.45
CA ASN B 81 -3.57 -18.51 5.37
C ASN B 81 -4.34 -19.72 5.88
N THR B 82 -5.37 -20.07 5.12
CA THR B 82 -6.10 -21.30 5.36
C THR B 82 -6.67 -21.76 4.02
N ALA B 83 -7.49 -22.81 4.04
CA ALA B 83 -8.25 -23.22 2.89
C ALA B 83 -9.59 -23.73 3.40
N VAL B 84 -10.63 -23.70 2.56
CA VAL B 84 -11.92 -24.27 2.94
C VAL B 84 -12.43 -25.26 1.91
N LYS B 85 -12.98 -26.37 2.37
CA LYS B 85 -13.54 -27.30 1.42
C LYS B 85 -15.01 -26.99 1.39
N ILE B 86 -15.54 -26.78 0.19
CA ILE B 86 -16.95 -26.43 0.04
C ILE B 86 -17.53 -27.38 -0.96
N SER B 87 -18.85 -27.51 -0.95
CA SER B 87 -19.54 -28.21 -2.01
C SER B 87 -20.49 -27.18 -2.59
N SER B 88 -20.56 -27.12 -3.91
CA SER B 88 -21.34 -26.06 -4.53
C SER B 88 -21.78 -26.50 -5.90
N SER B 89 -22.90 -25.96 -6.35
CA SER B 89 -23.39 -26.23 -7.70
C SER B 89 -22.83 -25.19 -8.69
N LEU B 90 -22.12 -24.20 -8.16
CA LEU B 90 -21.50 -23.18 -9.00
C LEU B 90 -20.49 -23.75 -9.99
N LYS B 91 -20.59 -23.37 -11.25
CA LYS B 91 -19.53 -23.70 -12.18
C LYS B 91 -18.29 -22.87 -11.81
N PRO B 92 -17.08 -23.38 -12.12
CA PRO B 92 -15.84 -22.71 -11.72
C PRO B 92 -15.82 -21.21 -12.04
N ASP B 93 -16.21 -20.82 -13.25
CA ASP B 93 -16.17 -19.40 -13.62
C ASP B 93 -17.17 -18.54 -12.84
N GLU B 94 -18.31 -19.12 -12.47
CA GLU B 94 -19.29 -18.45 -11.62
C GLU B 94 -18.73 -18.32 -10.21
N LEU B 95 -17.93 -19.29 -9.80
CA LEU B 95 -17.30 -19.26 -8.49
C LEU B 95 -16.21 -18.18 -8.48
N LEU B 96 -15.42 -18.13 -9.55
CA LEU B 96 -14.44 -17.06 -9.67
C LEU B 96 -15.08 -15.68 -9.48
N VAL B 97 -16.18 -15.41 -10.19
CA VAL B 97 -16.89 -14.13 -10.07
C VAL B 97 -17.24 -13.82 -8.62
N LEU B 98 -17.83 -14.80 -7.93
CA LEU B 98 -18.11 -14.69 -6.50
C LEU B 98 -16.87 -14.35 -5.67
N LEU B 99 -15.78 -15.11 -5.84
CA LEU B 99 -14.58 -14.81 -5.05
C LEU B 99 -14.15 -13.35 -5.21
N LYS B 100 -14.16 -12.87 -6.45
CA LYS B 100 -13.72 -11.52 -6.74
C LYS B 100 -14.64 -10.56 -6.02
N ASP B 101 -15.91 -10.95 -5.90
CA ASP B 101 -16.91 -10.08 -5.26
C ASP B 101 -16.70 -10.03 -3.77
N ILE B 102 -16.28 -11.17 -3.20
CA ILE B 102 -15.94 -11.22 -1.79
C ILE B 102 -14.62 -10.48 -1.47
N GLU B 103 -13.61 -10.64 -2.31
CA GLU B 103 -12.35 -9.93 -2.08
C GLU B 103 -12.59 -8.43 -2.03
N LEU B 104 -13.64 -7.98 -2.69
CA LEU B 104 -13.88 -6.56 -2.82
C LEU B 104 -14.85 -6.03 -1.74
N LYS B 105 -15.62 -6.94 -1.14
CA LYS B 105 -16.46 -6.59 0.00
C LYS B 105 -15.66 -6.61 1.31
N ILE B 106 -14.85 -7.65 1.51
CA ILE B 106 -14.11 -7.79 2.76
C ILE B 106 -12.97 -6.80 2.83
N ARG B 118 -8.21 -3.91 -0.62
CA ARG B 118 -8.31 -5.34 -0.87
C ARG B 118 -7.41 -6.08 0.11
N VAL B 119 -8.04 -6.70 1.11
CA VAL B 119 -7.29 -7.30 2.21
C VAL B 119 -7.14 -8.83 2.12
N ILE B 120 -8.14 -9.52 1.57
CA ILE B 120 -8.08 -10.97 1.37
C ILE B 120 -7.90 -11.35 -0.09
N ASP B 121 -7.15 -12.43 -0.30
CA ASP B 121 -7.06 -13.10 -1.57
C ASP B 121 -7.78 -14.44 -1.47
N LEU B 122 -8.82 -14.64 -2.27
CA LEU B 122 -9.46 -15.95 -2.42
C LEU B 122 -9.10 -16.62 -3.75
N ASP B 123 -8.75 -17.90 -3.71
CA ASP B 123 -8.33 -18.63 -4.91
C ASP B 123 -9.00 -19.99 -4.99
N ILE B 124 -9.48 -20.35 -6.17
CA ILE B 124 -9.87 -21.73 -6.39
C ILE B 124 -8.60 -22.59 -6.53
N LEU B 125 -8.28 -23.32 -5.47
CA LEU B 125 -7.05 -24.11 -5.48
C LEU B 125 -7.24 -25.39 -6.31
N ALA B 126 -8.38 -26.04 -6.11
CA ALA B 126 -8.68 -27.28 -6.79
C ALA B 126 -10.17 -27.56 -6.80
N ALA B 127 -10.56 -28.53 -7.62
CA ALA B 127 -11.91 -29.08 -7.57
C ALA B 127 -11.80 -30.57 -7.87
N GLU B 128 -11.35 -31.31 -6.88
CA GLU B 128 -11.12 -32.73 -7.05
C GLU B 128 -10.21 -32.94 -8.26
N ASP B 129 -10.59 -33.81 -9.18
CA ASP B 129 -9.68 -34.16 -10.25
C ASP B 129 -9.88 -33.31 -11.50
N LEU B 130 -10.65 -32.23 -11.36
CA LEU B 130 -10.93 -31.33 -12.46
C LEU B 130 -9.68 -30.68 -13.04
N ILE B 131 -9.55 -30.72 -14.36
CA ILE B 131 -8.56 -29.88 -15.05
C ILE B 131 -9.31 -28.88 -15.92
N LEU B 132 -9.04 -27.60 -15.69
CA LEU B 132 -9.67 -26.56 -16.47
C LEU B 132 -8.67 -25.45 -16.76
N GLU B 133 -8.39 -25.23 -18.04
CA GLU B 133 -7.53 -24.12 -18.46
C GLU B 133 -8.29 -23.27 -19.44
N THR B 134 -8.51 -22.02 -19.05
CA THR B 134 -9.30 -21.13 -19.88
C THR B 134 -8.63 -19.77 -19.88
N ASP B 135 -9.30 -18.80 -20.48
CA ASP B 135 -8.77 -17.44 -20.50
C ASP B 135 -8.94 -16.73 -19.15
N LYS B 136 -9.90 -17.19 -18.34
CA LYS B 136 -10.19 -16.59 -17.04
C LYS B 136 -9.57 -17.33 -15.85
N LEU B 137 -9.28 -18.61 -16.00
CA LEU B 137 -8.77 -19.35 -14.85
C LEU B 137 -8.13 -20.66 -15.23
N THR B 138 -7.29 -21.16 -14.34
CA THR B 138 -6.83 -22.53 -14.43
C THR B 138 -7.08 -23.25 -13.10
N ILE B 139 -7.52 -24.49 -13.17
CA ILE B 139 -7.72 -25.36 -12.00
C ILE B 139 -7.07 -26.71 -12.29
N PRO B 140 -6.27 -27.24 -11.35
CA PRO B 140 -5.83 -26.62 -10.09
C PRO B 140 -5.11 -25.31 -10.36
N HIS B 141 -5.07 -24.46 -9.35
CA HIS B 141 -4.37 -23.20 -9.46
C HIS B 141 -2.92 -23.42 -9.87
N LYS B 142 -2.51 -22.73 -10.93
CA LYS B 142 -1.17 -22.88 -11.47
C LYS B 142 -0.03 -22.67 -10.47
N GLU B 143 -0.26 -21.92 -9.40
CA GLU B 143 0.79 -21.75 -8.38
C GLU B 143 0.67 -22.71 -7.19
N LEU B 144 -0.42 -23.48 -7.13
CA LEU B 144 -0.66 -24.39 -5.99
C LEU B 144 0.61 -25.15 -5.60
N ILE B 145 1.28 -25.79 -6.57
CA ILE B 145 2.44 -26.61 -6.26
C ILE B 145 3.69 -25.82 -5.92
N ASN B 146 3.60 -24.49 -5.93
CA ASN B 146 4.75 -23.64 -5.62
C ASN B 146 4.57 -22.86 -4.34
N ARG B 147 3.44 -23.06 -3.67
CA ARG B 147 3.06 -22.30 -2.47
C ARG B 147 2.67 -23.22 -1.30
N SER B 148 3.52 -23.26 -0.29
CA SER B 148 3.30 -24.10 0.87
C SER B 148 2.03 -23.68 1.60
N PHE B 149 1.70 -22.40 1.51
CA PHE B 149 0.60 -21.85 2.27
C PHE B 149 -0.73 -22.09 1.57
N ALA B 150 -0.66 -22.52 0.32
CA ALA B 150 -1.81 -23.01 -0.42
C ALA B 150 -1.86 -24.53 -0.30
N LEU B 151 -0.72 -25.18 -0.51
CA LEU B 151 -0.64 -26.63 -0.54
C LEU B 151 -0.83 -27.27 0.84
N ALA B 152 -0.25 -26.67 1.87
CA ALA B 152 -0.41 -27.25 3.20
C ALA B 152 -1.87 -27.35 3.65
N PRO B 153 -2.61 -26.21 3.65
CA PRO B 153 -4.01 -26.40 4.07
C PRO B 153 -4.82 -27.33 3.11
N LEU B 154 -4.49 -27.36 1.83
CA LEU B 154 -5.21 -28.24 0.92
C LEU B 154 -5.03 -29.70 1.32
N LEU B 155 -3.80 -30.10 1.59
CA LEU B 155 -3.49 -31.49 1.92
C LEU B 155 -4.06 -31.84 3.28
N GLU B 156 -4.18 -30.83 4.14
CA GLU B 156 -4.82 -31.04 5.45
C GLU B 156 -6.26 -31.48 5.25
N LEU B 157 -6.94 -30.78 4.35
CA LEU B 157 -8.35 -31.02 4.05
C LEU B 157 -8.56 -32.31 3.25
N SER B 158 -7.65 -32.55 2.32
CA SER B 158 -7.80 -33.65 1.39
C SER B 158 -6.50 -34.43 1.33
N LYS B 159 -6.29 -35.28 2.33
CA LYS B 159 -5.03 -35.98 2.50
C LYS B 159 -4.70 -36.99 1.40
N GLY B 160 -5.67 -37.34 0.58
CA GLY B 160 -5.44 -38.23 -0.55
C GLY B 160 -5.32 -37.48 -1.87
N TRP B 161 -5.40 -36.17 -1.83
CA TRP B 161 -5.50 -35.46 -3.09
C TRP B 161 -4.23 -35.57 -3.92
N HIS B 162 -4.42 -35.81 -5.21
CA HIS B 162 -3.33 -35.80 -6.19
CA HIS B 162 -3.33 -35.78 -6.18
C HIS B 162 -3.63 -34.75 -7.26
N HIS B 163 -2.60 -34.03 -7.67
CA HIS B 163 -2.76 -33.05 -8.74
C HIS B 163 -2.97 -33.79 -10.06
N PRO B 164 -4.15 -33.64 -10.68
CA PRO B 164 -4.58 -34.38 -11.87
C PRO B 164 -3.67 -34.18 -13.08
N LYS B 165 -3.00 -33.04 -13.16
CA LYS B 165 -2.01 -32.85 -14.22
C LYS B 165 -0.80 -33.74 -13.99
N TYR B 166 -0.53 -34.06 -12.72
CA TYR B 166 0.64 -34.83 -12.34
C TYR B 166 0.28 -35.98 -11.39
N VAL B 167 -0.53 -36.91 -11.89
CA VAL B 167 -1.14 -37.94 -11.04
C VAL B 167 -0.17 -38.81 -10.24
N GLU B 168 1.08 -38.89 -10.68
CA GLU B 168 2.05 -39.78 -10.02
C GLU B 168 2.90 -39.05 -8.99
N TRP B 169 2.70 -37.74 -8.87
CA TRP B 169 3.47 -36.96 -7.92
C TRP B 169 2.88 -37.09 -6.51
N ASP B 170 3.70 -37.51 -5.56
CA ASP B 170 3.30 -37.51 -4.16
C ASP B 170 3.49 -36.11 -3.59
N LEU B 171 2.39 -35.42 -3.37
CA LEU B 171 2.41 -34.00 -3.03
C LEU B 171 3.01 -33.70 -1.64
N ASN B 172 2.86 -34.64 -0.71
CA ASN B 172 3.62 -34.56 0.55
C ASN B 172 5.13 -34.29 0.40
N ILE B 173 5.75 -34.90 -0.60
CA ILE B 173 7.17 -34.67 -0.87
C ILE B 173 7.35 -33.22 -1.32
N ARG B 174 6.59 -32.85 -2.34
CA ARG B 174 6.60 -31.49 -2.86
C ARG B 174 6.44 -30.47 -1.74
N LEU B 175 5.65 -30.79 -0.73
CA LEU B 175 5.36 -29.83 0.33
C LEU B 175 6.60 -29.61 1.20
N LYS B 176 7.38 -30.68 1.38
CA LYS B 176 8.66 -30.61 2.09
C LYS B 176 9.66 -29.72 1.36
N GLU B 177 9.76 -29.86 0.05
CA GLU B 177 10.69 -29.06 -0.73
C GLU B 177 10.36 -27.58 -0.67
N LEU B 178 9.15 -27.25 -0.23
CA LEU B 178 8.65 -25.88 -0.34
C LEU B 178 9.09 -24.90 0.76
N GLY B 179 8.82 -23.62 0.54
CA GLY B 179 9.11 -22.59 1.53
C GLY B 179 8.60 -22.96 2.92
N GLU B 180 9.35 -22.57 3.95
CA GLU B 180 8.98 -22.88 5.35
C GLU B 180 7.51 -22.52 5.61
N ILE B 181 6.81 -23.35 6.38
CA ILE B 181 5.48 -22.95 6.82
C ILE B 181 5.13 -23.36 8.25
N VAL B 182 4.62 -22.39 9.02
CA VAL B 182 4.21 -22.64 10.40
C VAL B 182 2.71 -22.86 10.50
N LYS B 183 2.34 -23.95 11.15
CA LYS B 183 0.95 -24.21 11.48
C LYS B 183 0.70 -23.62 12.86
N LEU B 184 -0.21 -22.65 12.93
CA LEU B 184 -0.51 -21.97 14.18
C LEU B 184 -1.41 -22.79 15.09
N LYS B 185 -1.45 -22.41 16.36
CA LYS B 185 -2.38 -22.98 17.32
C LYS B 185 -3.66 -22.14 17.33
N GLN B 186 -3.60 -20.93 16.79
CA GLN B 186 -4.83 -20.17 16.62
C GLN B 186 -5.72 -21.00 15.70
N THR B 187 -7.04 -20.98 15.89
CA THR B 187 -7.86 -21.72 14.94
C THR B 187 -9.08 -20.93 14.53
N LEU B 188 -9.85 -21.52 13.61
CA LEU B 188 -11.09 -20.95 13.11
C LEU B 188 -12.33 -21.40 13.92
N ALA B 189 -12.11 -21.82 15.17
CA ALA B 189 -13.21 -22.24 16.05
C ALA B 189 -14.23 -21.11 16.37
N ASN B 190 -15.45 -21.52 16.70
CA ASN B 190 -16.51 -20.63 17.18
C ASN B 190 -16.12 -19.88 18.44
N THR B 191 -15.28 -20.52 19.23
CA THR B 191 -14.85 -19.93 20.49
C THR B 191 -13.46 -19.37 20.35
N ILE B 192 -13.33 -18.05 20.47
CA ILE B 192 -12.00 -17.47 20.38
C ILE B 192 -11.39 -17.31 21.77
N ARG B 193 -10.09 -17.58 21.89
CA ARG B 193 -9.42 -17.46 23.17
C ARG B 193 -8.79 -16.07 23.33
N MET B 194 -9.08 -15.44 24.45
CA MET B 194 -8.51 -14.14 24.72
C MET B 194 -7.44 -14.26 25.81
N GLY B 195 -6.18 -14.11 25.41
CA GLY B 195 -5.07 -14.15 26.35
C GLY B 195 -4.92 -12.87 27.13
N ILE B 196 -4.77 -12.98 28.44
CA ILE B 196 -4.64 -11.81 29.31
C ILE B 196 -3.20 -11.32 29.41
N VAL B 197 -2.98 -10.05 29.06
CA VAL B 197 -1.67 -9.43 29.26
C VAL B 197 -1.88 -8.33 30.32
N ASN B 198 -1.53 -8.64 31.57
CA ASN B 198 -1.68 -7.64 32.62
C ASN B 198 -0.37 -6.90 32.84
N LEU B 199 -0.41 -5.58 32.70
CA LEU B 199 0.81 -4.78 32.78
C LEU B 199 0.99 -4.16 34.16
N SER B 200 0.10 -4.51 35.09
CA SER B 200 0.11 -3.88 36.41
C SER B 200 1.18 -4.47 37.32
N ASN B 201 1.13 -4.07 38.58
CA ASN B 201 2.15 -4.43 39.57
C ASN B 201 2.07 -5.87 40.08
N GLN B 202 0.98 -6.56 39.79
CA GLN B 202 0.91 -7.98 40.12
C GLN B 202 1.93 -8.79 39.32
N SER B 203 2.36 -8.23 38.20
CA SER B 203 3.20 -8.94 37.25
C SER B 203 4.57 -8.30 37.12
N PHE B 204 4.88 -7.38 38.04
CA PHE B 204 6.18 -6.73 38.05
C PHE B 204 7.32 -7.65 38.47
N SER B 205 8.21 -7.95 37.53
CA SER B 205 9.44 -8.68 37.83
C SER B 205 10.57 -8.21 36.91
N ASP B 206 10.83 -6.91 36.90
CA ASP B 206 11.93 -6.38 36.11
C ASP B 206 13.29 -6.65 36.77
N GLY B 207 14.27 -7.07 35.96
CA GLY B 207 15.63 -7.25 36.43
C GLY B 207 16.41 -5.96 36.22
N ASN B 208 17.71 -5.97 36.54
CA ASN B 208 18.52 -4.77 36.45
C ASN B 208 18.47 -4.10 35.09
N PHE B 209 18.50 -4.89 34.04
CA PHE B 209 18.62 -4.30 32.72
C PHE B 209 17.56 -4.85 31.80
N ASP B 210 16.52 -5.43 32.41
CA ASP B 210 15.57 -6.25 31.66
C ASP B 210 14.12 -6.08 32.14
N ASP B 211 13.27 -5.66 31.22
CA ASP B 211 11.85 -5.51 31.46
C ASP B 211 11.07 -6.41 30.50
N ASN B 212 11.57 -7.62 30.26
CA ASN B 212 11.05 -8.48 29.20
C ASN B 212 9.93 -9.45 29.58
N GLN B 213 9.51 -9.46 30.85
CA GLN B 213 8.54 -10.45 31.29
C GLN B 213 7.22 -10.38 30.51
N ARG B 214 6.65 -9.19 30.46
CA ARG B 214 5.40 -8.95 29.74
CA ARG B 214 5.39 -9.01 29.76
C ARG B 214 5.54 -9.26 28.26
N LYS B 215 6.71 -8.99 27.69
CA LYS B 215 6.89 -9.23 26.26
C LYS B 215 6.94 -10.71 25.96
N LEU B 216 7.61 -11.45 26.84
CA LEU B 216 7.80 -12.88 26.70
C LEU B 216 6.52 -13.64 27.03
N ASN B 217 5.66 -13.03 27.83
CA ASN B 217 4.34 -13.56 28.13
C ASN B 217 3.45 -13.37 26.91
N LEU B 218 3.53 -12.19 26.30
CA LEU B 218 2.90 -12.00 25.00
C LEU B 218 3.33 -13.10 24.04
N ASP B 219 4.64 -13.36 23.96
CA ASP B 219 5.13 -14.38 23.05
C ASP B 219 4.48 -15.74 23.34
N GLU B 220 4.30 -16.04 24.62
CA GLU B 220 3.71 -17.28 25.09
C GLU B 220 2.27 -17.40 24.60
N LEU B 221 1.48 -16.38 24.90
CA LEU B 221 0.11 -16.32 24.46
C LEU B 221 0.03 -16.58 22.97
N ILE B 222 0.78 -15.81 22.18
CA ILE B 222 0.75 -15.97 20.73
C ILE B 222 1.10 -17.37 20.21
N GLN B 223 2.18 -17.94 20.74
CA GLN B 223 2.63 -19.26 20.30
C GLN B 223 1.62 -20.33 20.70
N SER B 224 1.00 -20.12 21.85
CA SER B 224 0.13 -21.13 22.42
C SER B 224 -1.26 -21.04 21.79
N GLY B 225 -1.50 -19.98 21.03
CA GLY B 225 -2.69 -19.96 20.18
C GLY B 225 -3.79 -18.98 20.51
N ALA B 226 -3.55 -18.02 21.40
CA ALA B 226 -4.58 -17.05 21.69
C ALA B 226 -4.94 -16.28 20.41
N GLU B 227 -6.23 -16.18 20.11
CA GLU B 227 -6.64 -15.43 18.91
C GLU B 227 -6.69 -13.93 19.19
N ILE B 228 -7.04 -13.56 20.41
CA ILE B 228 -7.15 -12.17 20.82
C ILE B 228 -6.28 -12.02 22.05
N ILE B 229 -5.68 -10.84 22.25
CA ILE B 229 -5.03 -10.53 23.52
C ILE B 229 -5.71 -9.32 24.16
N ASP B 230 -5.92 -9.41 25.46
CA ASP B 230 -6.61 -8.40 26.25
C ASP B 230 -5.60 -7.69 27.16
N ILE B 231 -5.32 -6.44 26.86
CA ILE B 231 -4.26 -5.71 27.56
C ILE B 231 -4.85 -4.74 28.60
N GLY B 232 -4.43 -4.88 29.84
CA GLY B 232 -4.94 -4.07 30.94
C GLY B 232 -3.81 -3.65 31.84
N ALA B 233 -3.87 -2.44 32.39
CA ALA B 233 -2.81 -1.91 33.23
C ALA B 233 -3.29 -1.67 34.66
N GLU B 234 -4.43 -2.26 35.00
CA GLU B 234 -5.01 -2.10 36.34
C GLU B 234 -4.95 -3.41 37.11
N SER B 235 -4.47 -3.35 38.35
CA SER B 235 -4.42 -4.55 39.20
C SER B 235 -5.83 -5.08 39.47
N THR B 236 -5.93 -6.36 39.79
CA THR B 236 -7.23 -6.98 40.01
C THR B 236 -7.41 -7.33 41.48
N LYS B 237 -6.37 -7.09 42.27
CA LYS B 237 -6.36 -7.44 43.68
C LYS B 237 -6.99 -6.36 44.58
N PRO B 238 -7.94 -6.77 45.44
CA PRO B 238 -8.54 -5.88 46.43
C PRO B 238 -7.67 -5.75 47.68
N PRO B 242 -4.87 2.75 43.40
CA PRO B 242 -5.55 3.31 42.22
C PRO B 242 -4.57 4.13 41.39
N ILE B 243 -4.54 3.89 40.09
CA ILE B 243 -3.58 4.58 39.24
C ILE B 243 -4.24 5.74 38.49
N SER B 244 -3.43 6.71 38.11
CA SER B 244 -3.96 7.87 37.42
C SER B 244 -4.24 7.53 35.96
N ILE B 245 -4.92 8.44 35.29
CA ILE B 245 -5.17 8.36 33.86
C ILE B 245 -3.87 8.38 33.07
N GLU B 246 -3.03 9.34 33.39
CA GLU B 246 -1.70 9.48 32.80
C GLU B 246 -0.88 8.20 32.97
N GLU B 247 -0.87 7.64 34.18
CA GLU B 247 -0.07 6.43 34.42
C GLU B 247 -0.65 5.22 33.71
N GLU B 248 -1.96 5.04 33.81
CA GLU B 248 -2.59 3.96 33.08
C GLU B 248 -2.33 4.16 31.60
N PHE B 249 -2.49 5.39 31.11
CA PHE B 249 -2.25 5.60 29.70
C PHE B 249 -0.79 5.27 29.32
N ASN B 250 0.14 5.64 30.19
CA ASN B 250 1.56 5.38 29.94
C ASN B 250 1.90 3.89 29.79
N LYS B 251 1.41 3.05 30.68
CA LYS B 251 1.67 1.61 30.58
C LYS B 251 1.10 1.04 29.29
N LEU B 252 -0.15 1.37 28.97
CA LEU B 252 -0.76 0.86 27.73
C LEU B 252 -0.01 1.35 26.50
N ASN B 253 0.26 2.64 26.48
CA ASN B 253 0.85 3.19 25.27
C ASN B 253 2.22 2.58 24.96
N GLU B 254 3.06 2.41 25.97
CA GLU B 254 4.38 1.83 25.71
C GLU B 254 4.28 0.40 25.21
N PHE B 255 3.41 -0.40 25.83
CA PHE B 255 3.21 -1.74 25.35
C PHE B 255 2.64 -1.80 23.93
N LEU B 256 1.66 -0.96 23.61
CA LEU B 256 1.09 -0.99 22.26
C LEU B 256 2.12 -0.55 21.24
N GLU B 257 2.98 0.39 21.62
CA GLU B 257 4.01 0.84 20.68
C GLU B 257 5.07 -0.23 20.50
N TYR B 258 5.37 -0.93 21.59
CA TYR B 258 6.20 -2.12 21.47
C TYR B 258 5.51 -3.13 20.54
N PHE B 259 4.22 -3.35 20.75
CA PHE B 259 3.45 -4.32 19.93
C PHE B 259 3.58 -3.93 18.48
N LYS B 260 3.38 -2.65 18.19
CA LYS B 260 3.47 -2.15 16.80
C LYS B 260 4.85 -2.31 16.17
N SER B 261 5.90 -2.22 16.97
CA SER B 261 7.23 -2.36 16.40
C SER B 261 7.56 -3.82 16.18
N GLN B 262 6.71 -4.70 16.69
CA GLN B 262 6.95 -6.15 16.55
C GLN B 262 6.05 -6.78 15.48
N LEU B 263 5.19 -5.99 14.84
CA LEU B 263 4.13 -6.53 13.95
C LEU B 263 4.65 -7.45 12.85
N ALA B 264 5.71 -7.03 12.18
CA ALA B 264 6.37 -7.87 11.20
C ALA B 264 7.04 -9.11 11.84
N ASN B 265 7.10 -9.15 13.17
CA ASN B 265 7.83 -10.21 13.87
C ASN B 265 6.94 -11.29 14.48
N LEU B 266 5.64 -11.04 14.50
CA LEU B 266 4.72 -11.98 15.13
C LEU B 266 4.33 -13.05 14.08
N ILE B 267 4.42 -14.33 14.42
CA ILE B 267 3.91 -15.35 13.49
C ILE B 267 2.44 -15.09 13.18
N TYR B 268 1.75 -14.52 14.17
CA TYR B 268 0.31 -14.29 14.12
C TYR B 268 0.02 -12.98 14.83
N LYS B 269 -0.75 -12.11 14.20
CA LYS B 269 -1.08 -10.80 14.77
C LYS B 269 -2.42 -10.86 15.50
N PRO B 270 -2.39 -10.89 16.84
CA PRO B 270 -3.69 -11.10 17.49
C PRO B 270 -4.60 -9.88 17.41
N LEU B 271 -5.89 -10.13 17.60
CA LEU B 271 -6.84 -9.05 17.80
C LEU B 271 -6.49 -8.40 19.12
N VAL B 272 -6.57 -7.10 19.20
CA VAL B 272 -6.22 -6.47 20.47
C VAL B 272 -7.46 -5.94 21.17
N SER B 273 -7.52 -6.20 22.45
CA SER B 273 -8.61 -5.72 23.27
C SER B 273 -7.93 -4.85 24.31
N ILE B 274 -8.48 -3.67 24.54
CA ILE B 274 -7.97 -2.82 25.60
C ILE B 274 -8.90 -2.88 26.77
N ASP B 275 -8.31 -3.12 27.93
CA ASP B 275 -9.07 -3.40 29.12
C ASP B 275 -8.87 -2.26 30.10
N THR B 276 -9.85 -1.38 30.19
CA THR B 276 -9.79 -0.20 31.06
C THR B 276 -11.18 0.26 31.49
N ARG B 277 -11.25 0.91 32.64
CA ARG B 277 -12.52 1.45 33.13
C ARG B 277 -12.58 2.98 33.03
N LYS B 278 -11.58 3.60 32.42
CA LYS B 278 -11.50 5.06 32.35
C LYS B 278 -11.75 5.64 30.97
N LEU B 279 -12.78 6.47 30.86
CA LEU B 279 -13.11 7.09 29.59
C LEU B 279 -11.88 7.75 28.96
N GLU B 280 -11.11 8.48 29.76
CA GLU B 280 -10.00 9.25 29.23
C GLU B 280 -8.87 8.38 28.73
N VAL B 281 -8.68 7.21 29.33
CA VAL B 281 -7.70 6.27 28.81
C VAL B 281 -8.09 5.76 27.41
N MET B 282 -9.36 5.39 27.23
CA MET B 282 -9.91 5.02 25.91
C MET B 282 -9.73 6.09 24.86
N GLN B 283 -10.03 7.34 25.23
CA GLN B 283 -9.85 8.44 24.30
C GLN B 283 -8.41 8.51 23.81
N LYS B 284 -7.45 8.48 24.73
CA LYS B 284 -6.05 8.62 24.35
C LYS B 284 -5.52 7.39 23.60
N ILE B 285 -5.86 6.19 24.11
CA ILE B 285 -5.40 4.95 23.48
C ILE B 285 -6.03 4.75 22.11
N LEU B 286 -7.29 5.10 21.97
CA LEU B 286 -7.94 4.95 20.67
C LEU B 286 -7.43 5.95 19.65
N ALA B 287 -7.09 7.16 20.10
CA ALA B 287 -6.55 8.19 19.18
C ALA B 287 -5.23 7.73 18.56
N LYS B 288 -4.37 7.14 19.37
CA LYS B 288 -3.05 6.77 18.91
C LYS B 288 -3.00 5.39 18.26
N HIS B 289 -3.89 4.48 18.67
CA HIS B 289 -3.74 3.09 18.27
C HIS B 289 -4.99 2.41 17.73
N HIS B 290 -6.03 3.19 17.43
CA HIS B 290 -7.27 2.60 16.97
C HIS B 290 -7.02 1.61 15.82
N ASP B 291 -5.97 1.87 15.02
CA ASP B 291 -5.64 1.02 13.89
C ASP B 291 -5.41 -0.44 14.31
N ILE B 292 -4.92 -0.66 15.53
CA ILE B 292 -4.59 -2.02 15.96
C ILE B 292 -5.54 -2.56 17.01
N ILE B 293 -6.50 -1.75 17.42
CA ILE B 293 -7.45 -2.14 18.46
C ILE B 293 -8.79 -2.68 17.91
N TRP B 294 -9.22 -3.81 18.44
CA TRP B 294 -10.41 -4.47 17.94
C TRP B 294 -11.52 -4.25 18.92
N MET B 295 -11.16 -4.22 20.18
CA MET B 295 -12.18 -4.28 21.21
C MET B 295 -11.84 -3.44 22.43
N ILE B 296 -12.89 -2.88 23.04
CA ILE B 296 -12.77 -2.25 24.34
C ILE B 296 -13.50 -3.05 25.40
N ASN B 297 -12.76 -3.40 26.43
CA ASN B 297 -13.24 -4.27 27.48
C ASN B 297 -13.31 -3.50 28.78
N ASP B 298 -14.45 -2.86 29.05
CA ASP B 298 -14.58 -1.90 30.16
C ASP B 298 -15.46 -2.39 31.32
N VAL B 299 -14.86 -2.53 32.51
CA VAL B 299 -15.56 -3.01 33.70
C VAL B 299 -16.49 -2.00 34.43
N GLU B 300 -16.19 -0.70 34.34
CA GLU B 300 -17.03 0.33 34.96
C GLU B 300 -18.22 0.72 34.08
N CYS B 301 -19.30 1.17 34.71
CA CYS B 301 -20.45 1.68 33.97
C CYS B 301 -20.53 3.20 34.05
N ASN B 302 -19.45 3.78 34.57
CA ASN B 302 -19.32 5.23 34.66
C ASN B 302 -19.08 5.86 33.27
N ASN B 303 -19.67 7.02 33.03
CA ASN B 303 -19.48 7.72 31.75
C ASN B 303 -19.98 6.91 30.55
N ILE B 304 -20.81 5.90 30.82
CA ILE B 304 -21.31 5.02 29.76
C ILE B 304 -21.71 5.76 28.49
N GLU B 305 -22.32 6.93 28.62
CA GLU B 305 -22.78 7.68 27.46
C GLU B 305 -21.63 8.18 26.59
N GLN B 306 -20.66 8.83 27.21
CA GLN B 306 -19.48 9.32 26.48
C GLN B 306 -18.67 8.17 25.90
N LYS B 307 -18.74 7.00 26.55
CA LYS B 307 -18.02 5.85 26.05
C LYS B 307 -18.68 5.34 24.78
N ALA B 308 -20.01 5.24 24.82
CA ALA B 308 -20.79 4.85 23.66
C ALA B 308 -20.41 5.64 22.41
N GLN B 309 -20.55 6.96 22.47
CA GLN B 309 -20.16 7.82 21.36
C GLN B 309 -18.73 7.53 20.90
N LEU B 310 -17.84 7.25 21.86
CA LEU B 310 -16.46 6.94 21.52
C LEU B 310 -16.32 5.58 20.79
N ILE B 311 -16.96 4.55 21.30
CA ILE B 311 -16.92 3.25 20.65
C ILE B 311 -17.51 3.33 19.23
N ALA B 312 -18.66 3.98 19.14
CA ALA B 312 -19.35 4.24 17.88
C ALA B 312 -18.45 4.95 16.87
N LYS B 313 -17.89 6.09 17.26
CA LYS B 313 -16.96 6.80 16.39
C LYS B 313 -15.83 5.92 15.84
N TYR B 314 -15.26 5.06 16.67
CA TYR B 314 -14.12 4.22 16.24
C TYR B 314 -14.58 2.82 15.78
N ASN B 315 -15.85 2.51 16.00
CA ASN B 315 -16.47 1.32 15.42
C ASN B 315 -15.75 0.09 15.93
N LYS B 316 -15.63 0.01 17.26
CA LYS B 316 -14.94 -1.08 17.92
C LYS B 316 -15.94 -1.97 18.63
N LYS B 317 -15.56 -3.21 18.93
CA LYS B 317 -16.42 -4.04 19.77
C LYS B 317 -16.39 -3.46 21.18
N TYR B 318 -17.40 -3.82 21.96
CA TYR B 318 -17.51 -3.37 23.33
C TYR B 318 -18.09 -4.49 24.16
N VAL B 319 -17.64 -4.59 25.40
CA VAL B 319 -18.12 -5.60 26.29
C VAL B 319 -18.86 -4.95 27.43
N ILE B 320 -20.06 -5.46 27.71
CA ILE B 320 -20.86 -5.01 28.84
C ILE B 320 -20.67 -6.03 29.96
N ILE B 321 -20.09 -5.58 31.08
CA ILE B 321 -19.87 -6.48 32.22
C ILE B 321 -20.76 -6.09 33.38
N HIS B 322 -21.49 -7.07 33.90
CA HIS B 322 -22.35 -6.85 35.05
C HIS B 322 -21.53 -6.89 36.33
N ASN B 323 -21.22 -5.71 36.85
CA ASN B 323 -20.42 -5.58 38.07
C ASN B 323 -21.28 -5.68 39.34
N ILE B 339 -30.64 -14.20 37.60
CA ILE B 339 -30.64 -14.29 36.15
C ILE B 339 -31.43 -13.15 35.51
N ASP B 340 -32.69 -13.00 35.90
CA ASP B 340 -33.51 -11.91 35.38
C ASP B 340 -32.87 -10.56 35.72
N ASN B 341 -32.06 -10.53 36.78
CA ASN B 341 -31.42 -9.29 37.20
C ASN B 341 -30.20 -8.90 36.36
N VAL B 342 -29.31 -9.87 36.13
CA VAL B 342 -28.18 -9.66 35.24
C VAL B 342 -28.72 -9.22 33.88
N CYS B 343 -29.78 -9.88 33.43
CA CYS B 343 -30.36 -9.60 32.12
C CYS B 343 -30.99 -8.21 32.06
N ASP B 344 -31.59 -7.78 33.15
CA ASP B 344 -32.14 -6.43 33.23
C ASP B 344 -31.02 -5.40 33.12
N TYR B 345 -29.95 -5.62 33.90
CA TYR B 345 -28.82 -4.71 33.90
C TYR B 345 -28.21 -4.54 32.52
N ILE B 346 -27.86 -5.66 31.90
CA ILE B 346 -27.20 -5.63 30.59
C ILE B 346 -28.11 -5.03 29.53
N GLU B 347 -29.41 -5.28 29.69
CA GLU B 347 -30.38 -4.71 28.76
C GLU B 347 -30.32 -3.20 28.83
N GLN B 348 -30.38 -2.66 30.04
CA GLN B 348 -30.32 -1.21 30.24
C GLN B 348 -29.16 -0.65 29.44
N LYS B 349 -27.95 -1.08 29.79
CA LYS B 349 -26.73 -0.60 29.14
C LYS B 349 -26.81 -0.81 27.63
N LYS B 350 -27.27 -1.99 27.24
CA LYS B 350 -27.35 -2.33 25.82
C LYS B 350 -28.20 -1.29 25.12
N GLN B 351 -29.32 -0.94 25.75
CA GLN B 351 -30.18 0.11 25.21
C GLN B 351 -29.41 1.42 25.03
N ILE B 352 -28.68 1.84 26.05
CA ILE B 352 -27.88 3.07 25.94
C ILE B 352 -26.89 3.01 24.77
N LEU B 353 -26.12 1.93 24.68
CA LEU B 353 -25.14 1.79 23.61
C LEU B 353 -25.81 1.89 22.23
N LEU B 354 -26.91 1.16 22.05
CA LEU B 354 -27.67 1.23 20.81
C LEU B 354 -28.09 2.67 20.50
N LYS B 355 -28.69 3.32 21.49
CA LYS B 355 -29.11 4.69 21.32
C LYS B 355 -27.97 5.55 20.82
N HIS B 356 -26.74 5.08 20.94
CA HIS B 356 -25.60 5.91 20.53
C HIS B 356 -24.94 5.52 19.20
N GLY B 357 -25.52 4.54 18.53
CA GLY B 357 -25.09 4.22 17.18
C GLY B 357 -24.13 3.07 17.11
N ILE B 358 -23.93 2.39 18.23
CA ILE B 358 -23.18 1.16 18.22
C ILE B 358 -24.06 0.03 17.72
N ALA B 359 -23.59 -0.65 16.67
CA ALA B 359 -24.29 -1.80 16.12
C ALA B 359 -24.34 -2.95 17.12
N GLN B 360 -25.53 -3.46 17.37
CA GLN B 360 -25.72 -4.57 18.29
C GLN B 360 -24.71 -5.68 18.03
N GLN B 361 -24.31 -5.84 16.78
CA GLN B 361 -23.36 -6.88 16.39
C GLN B 361 -22.02 -6.74 17.14
N ASN B 362 -21.72 -5.50 17.54
CA ASN B 362 -20.43 -5.15 18.10
C ASN B 362 -20.39 -5.21 19.62
N ILE B 363 -21.45 -5.76 20.21
CA ILE B 363 -21.62 -5.72 21.65
C ILE B 363 -21.63 -7.11 22.25
N TYR B 364 -20.71 -7.36 23.19
CA TYR B 364 -20.63 -8.61 23.92
C TYR B 364 -21.02 -8.31 25.36
N PHE B 365 -21.33 -9.35 26.11
CA PHE B 365 -21.62 -9.21 27.53
C PHE B 365 -20.78 -10.20 28.32
N ASP B 366 -20.51 -9.85 29.56
CA ASP B 366 -19.70 -10.68 30.43
C ASP B 366 -20.50 -10.80 31.73
N ILE B 367 -20.76 -12.03 32.17
CA ILE B 367 -21.47 -12.24 33.42
C ILE B 367 -20.70 -11.58 34.55
N GLY B 368 -19.39 -11.46 34.35
CA GLY B 368 -18.55 -10.78 35.31
C GLY B 368 -18.44 -11.49 36.64
N PHE B 369 -17.68 -12.57 36.66
CA PHE B 369 -17.39 -13.26 37.91
C PHE B 369 -16.41 -12.42 38.73
N GLY B 370 -16.66 -12.32 40.03
CA GLY B 370 -15.86 -11.50 40.91
C GLY B 370 -16.61 -10.30 41.48
N SER B 375 -18.98 -17.70 45.33
CA SER B 375 -20.41 -17.78 45.10
C SER B 375 -20.87 -19.15 44.59
N ASP B 376 -22.17 -19.40 44.74
CA ASP B 376 -22.78 -20.65 44.37
C ASP B 376 -23.64 -20.37 43.15
N THR B 377 -24.03 -19.11 43.02
CA THR B 377 -24.84 -18.65 41.90
C THR B 377 -23.97 -18.39 40.67
N ALA B 378 -22.68 -18.15 40.89
CA ALA B 378 -21.76 -18.04 39.77
C ALA B 378 -21.86 -19.33 38.95
N ARG B 379 -21.76 -20.47 39.62
CA ARG B 379 -22.02 -21.75 38.97
C ARG B 379 -23.35 -21.69 38.25
N TYR B 380 -24.34 -21.11 38.91
CA TYR B 380 -25.73 -21.14 38.43
C TYR B 380 -25.95 -20.23 37.22
N LEU B 381 -25.23 -19.11 37.16
CA LEU B 381 -25.32 -18.21 36.00
C LEU B 381 -24.55 -18.77 34.80
N LEU B 382 -23.53 -19.58 35.06
CA LEU B 382 -22.74 -20.18 33.99
C LEU B 382 -23.57 -21.24 33.28
N GLU B 383 -24.36 -21.99 34.05
CA GLU B 383 -25.21 -23.02 33.49
C GLU B 383 -26.27 -22.43 32.58
N ASN B 384 -26.52 -21.13 32.72
CA ASN B 384 -27.56 -20.48 31.92
C ASN B 384 -27.02 -19.38 30.99
N ILE B 385 -25.74 -19.46 30.65
CA ILE B 385 -25.13 -18.43 29.81
C ILE B 385 -25.80 -18.34 28.43
N ILE B 386 -26.05 -19.49 27.82
CA ILE B 386 -26.69 -19.50 26.50
C ILE B 386 -28.07 -18.83 26.50
N GLU B 387 -28.90 -19.20 27.47
CA GLU B 387 -30.22 -18.59 27.62
C GLU B 387 -30.11 -17.08 27.70
N ILE B 388 -29.19 -16.61 28.54
CA ILE B 388 -28.93 -15.19 28.68
C ILE B 388 -28.54 -14.56 27.34
N LYS B 389 -27.72 -15.28 26.57
CA LYS B 389 -27.31 -14.83 25.25
C LYS B 389 -28.51 -14.60 24.31
N ARG B 390 -29.37 -15.61 24.16
CA ARG B 390 -30.52 -15.49 23.27
C ARG B 390 -31.47 -14.38 23.72
N ARG B 391 -31.70 -14.28 25.02
CA ARG B 391 -32.60 -13.26 25.56
C ARG B 391 -32.06 -11.86 25.33
N LEU B 392 -30.75 -11.70 25.47
CA LEU B 392 -30.11 -10.41 25.26
C LEU B 392 -29.87 -10.14 23.79
N GLU B 393 -29.71 -11.20 23.00
CA GLU B 393 -29.26 -11.06 21.62
C GLU B 393 -27.87 -10.41 21.57
N LEU B 394 -26.99 -10.85 22.48
CA LEU B 394 -25.61 -10.37 22.50
C LEU B 394 -24.68 -11.56 22.67
N LYS B 395 -23.56 -11.54 21.97
CA LYS B 395 -22.55 -12.59 22.13
C LYS B 395 -21.97 -12.61 23.53
N ALA B 396 -21.49 -13.77 23.96
CA ALA B 396 -21.06 -14.00 25.35
C ALA B 396 -19.56 -14.12 25.48
N LEU B 397 -18.99 -13.34 26.40
CA LEU B 397 -17.59 -13.44 26.73
C LEU B 397 -17.53 -13.92 28.17
N VAL B 398 -16.81 -15.01 28.41
CA VAL B 398 -16.69 -15.53 29.76
C VAL B 398 -15.27 -15.38 30.27
N GLY B 399 -15.13 -14.69 31.41
CA GLY B 399 -13.86 -14.61 32.10
C GLY B 399 -13.91 -15.49 33.34
N HIS B 400 -13.31 -16.67 33.25
CA HIS B 400 -13.36 -17.61 34.35
C HIS B 400 -11.96 -17.94 34.87
N SER B 401 -10.94 -17.49 34.14
CA SER B 401 -9.56 -17.87 34.44
C SER B 401 -9.13 -17.55 35.87
N ARG B 402 -8.64 -18.57 36.56
CA ARG B 402 -8.11 -18.45 37.92
C ARG B 402 -9.08 -17.85 38.94
N LYS B 403 -10.38 -18.02 38.72
CA LYS B 403 -11.39 -17.53 39.65
C LYS B 403 -12.02 -18.71 40.41
N PRO B 404 -11.54 -18.95 41.63
CA PRO B 404 -12.04 -20.04 42.48
C PRO B 404 -13.56 -20.18 42.46
N SER B 405 -14.28 -19.07 42.60
CA SER B 405 -15.75 -19.12 42.65
C SER B 405 -16.39 -19.95 41.53
N VAL B 406 -15.76 -20.00 40.37
CA VAL B 406 -16.33 -20.76 39.25
C VAL B 406 -15.58 -22.04 38.94
N LEU B 407 -14.39 -22.19 39.53
CA LEU B 407 -13.59 -23.38 39.27
C LEU B 407 -13.77 -24.41 40.38
N GLY B 408 -14.73 -24.14 41.25
CA GLY B 408 -14.96 -24.96 42.44
C GLY B 408 -13.67 -25.08 43.23
N LEU B 409 -12.99 -23.96 43.43
CA LEU B 409 -11.71 -23.96 44.11
C LEU B 409 -11.65 -22.86 45.19
N LYS B 411 -9.52 -20.92 45.81
CA LYS B 411 -9.13 -20.35 47.09
C LYS B 411 -8.82 -21.45 48.08
N ASP B 412 -7.54 -21.57 48.42
CA ASP B 412 -6.50 -20.79 47.79
C ASP B 412 -5.49 -21.72 47.14
N SER B 413 -5.83 -22.19 45.94
CA SER B 413 -5.11 -23.28 45.29
C SER B 413 -3.87 -22.84 44.51
N ASN B 414 -2.87 -23.73 44.43
CA ASN B 414 -1.66 -23.46 43.69
C ASN B 414 -1.89 -23.18 42.20
N LEU B 415 -1.03 -22.34 41.63
CA LEU B 415 -1.19 -21.85 40.26
C LEU B 415 -1.49 -22.93 39.22
N ALA B 416 -0.69 -23.98 39.18
CA ALA B 416 -0.97 -25.07 38.27
C ALA B 416 -2.41 -25.56 38.44
N THR B 417 -2.85 -25.66 39.69
CA THR B 417 -4.19 -26.19 39.98
C THR B 417 -5.30 -25.33 39.39
N LEU B 418 -5.21 -24.02 39.60
CA LEU B 418 -6.21 -23.10 39.07
C LEU B 418 -6.24 -23.18 37.54
N ASP B 419 -5.06 -23.14 36.93
CA ASP B 419 -4.97 -23.16 35.48
C ASP B 419 -5.48 -24.48 34.90
N ARG B 420 -5.12 -25.59 35.53
CA ARG B 420 -5.58 -26.89 35.06
C ARG B 420 -7.10 -26.92 35.14
N ALA B 421 -7.63 -26.53 36.27
CA ALA B 421 -9.06 -26.36 36.43
C ALA B 421 -9.61 -25.40 35.35
N THR B 422 -8.88 -24.33 35.06
CA THR B 422 -9.29 -23.36 34.04
C THR B 422 -9.32 -23.99 32.65
N ARG B 423 -8.27 -24.73 32.31
CA ARG B 423 -8.21 -25.44 31.05
C ARG B 423 -9.43 -26.35 30.90
N GLU B 424 -9.73 -27.11 31.95
CA GLU B 424 -10.88 -28.04 31.92
C GLU B 424 -12.16 -27.33 31.58
N LEU B 425 -12.49 -26.31 32.36
CA LEU B 425 -13.69 -25.53 32.09
C LEU B 425 -13.65 -24.85 30.71
N SER B 426 -12.45 -24.48 30.25
CA SER B 426 -12.31 -23.90 28.91
C SER B 426 -12.70 -24.91 27.84
N ARG B 427 -12.10 -26.09 27.90
CA ARG B 427 -12.41 -27.14 26.93
C ARG B 427 -13.91 -27.44 26.90
N LYS B 428 -14.61 -27.14 27.98
CA LYS B 428 -16.05 -27.35 28.07
C LYS B 428 -16.88 -26.17 27.54
N LEU B 429 -16.36 -24.96 27.71
CA LEU B 429 -17.07 -23.78 27.19
C LEU B 429 -16.95 -23.69 25.68
N GLU B 430 -15.82 -24.10 25.14
CA GLU B 430 -15.65 -24.13 23.69
C GLU B 430 -16.67 -25.09 23.08
N LYS B 431 -17.09 -26.08 23.86
CA LYS B 431 -18.08 -27.05 23.38
C LYS B 431 -19.48 -26.47 23.33
N LEU B 432 -19.70 -25.36 24.04
CA LEU B 432 -20.97 -24.65 23.97
C LEU B 432 -20.89 -23.47 23.02
N ASP B 433 -19.77 -23.34 22.34
CA ASP B 433 -19.54 -22.20 21.46
C ASP B 433 -19.83 -20.86 22.16
N ILE B 434 -19.34 -20.71 23.39
CA ILE B 434 -19.19 -19.39 23.96
C ILE B 434 -18.34 -18.60 22.96
N ASP B 435 -18.70 -17.35 22.71
CA ASP B 435 -17.99 -16.60 21.71
C ASP B 435 -16.53 -16.34 22.11
N ILE B 436 -16.30 -15.96 23.36
CA ILE B 436 -14.95 -15.69 23.86
C ILE B 436 -14.69 -16.22 25.26
N ILE B 437 -13.53 -16.83 25.44
CA ILE B 437 -13.07 -17.16 26.76
C ILE B 437 -11.80 -16.37 27.05
N ARG B 438 -11.70 -15.86 28.27
CA ARG B 438 -10.62 -14.95 28.64
C ARG B 438 -9.73 -15.67 29.62
N VAL B 439 -8.54 -16.03 29.18
CA VAL B 439 -7.65 -16.84 30.02
C VAL B 439 -6.25 -16.28 30.16
N HIS B 440 -5.58 -16.71 31.23
CA HIS B 440 -4.22 -16.31 31.50
C HIS B 440 -3.30 -17.23 30.75
N LYS B 441 -3.74 -18.48 30.61
CA LYS B 441 -2.92 -19.48 29.95
C LYS B 441 -3.82 -20.35 29.09
N ILE B 442 -3.45 -20.52 27.82
CA ILE B 442 -4.26 -21.32 26.91
C ILE B 442 -4.37 -22.80 27.36
MG MG C . -6.24 11.18 -1.76
#